data_3AYN
#
_entry.id   3AYN
#
_cell.length_a   122.540
_cell.length_b   122.540
_cell.length_c   158.530
_cell.angle_alpha   90.00
_cell.angle_beta   90.00
_cell.angle_gamma   120.00
#
_symmetry.space_group_name_H-M   'P 62'
#
loop_
_entity.id
_entity.type
_entity.pdbx_description
1 polymer Rhodopsin
2 non-polymer RETINAL
3 non-polymer 'PALMITIC ACID'
4 non-polymer 'SULFATE ION'
5 non-polymer 1,2-DIACYL-SN-GLYCERO-3-PHOSPHOCHOLINE
6 non-polymer 'octyl beta-D-glucopyranoside'
7 water water
#
_entity_poly.entity_id   1
_entity_poly.type   'polypeptide(L)'
_entity_poly.pdbx_seq_one_letter_code
;MGRDLRDNETWWYNPSIVVHPHWREFDQVPDAVYYSLGIFIGICGIIGCGGNGIVIYLFTKTKSLQTPANMFIINLAFSD
FTFSLVNGFPLMTISCFLKKWIFGFAACKVYGFIGGIFGFMSIMTMAMISIDRYNVIGRPMAASKKMSHRRAFIMIIFVW
LWSVLWAIGPIFGWGAYTLEGVLCNCSFDYISRDSTTRSNILCMFILGFFGPILIIFFCYFNIVMSVSNHEKEMAAMAKR
LNAKELRKAQAGANAEMRLAKISIVIVSQFLLSWSPYAVVALLAQFGPLEWVTPYAAQLPVMFAKASAIHNPMIYSVSHP
KFREAISQTFPWVLTCCQFDDKETEDDKDAETEIPAGESSDAAPSADAAQMKEMMAMMQKMQQQQAAYPPQGYAPPPQGY
PPQGYPPQGYPPQGYPPQGYPPPPQGAPPQGAPPAAPPQGVDNQAYQA
;
_entity_poly.pdbx_strand_id   A,B
#
loop_
_chem_comp.id
_chem_comp.type
_chem_comp.name
_chem_comp.formula
BOG D-saccharide 'octyl beta-D-glucopyranoside' 'C14 H28 O6'
PC1 non-polymer 1,2-DIACYL-SN-GLYCERO-3-PHOSPHOCHOLINE 'C44 H88 N O8 P'
PLM non-polymer 'PALMITIC ACID' 'C16 H32 O2'
RET non-polymer RETINAL 'C20 H28 O'
SO4 non-polymer 'SULFATE ION' 'O4 S -2'
#
# COMPACT_ATOMS: atom_id res chain seq x y z
N GLU A 9 -12.53 7.64 -2.02
CA GLU A 9 -12.13 6.36 -1.38
C GLU A 9 -10.75 6.47 -0.73
N THR A 10 -9.84 7.19 -1.38
CA THR A 10 -8.48 7.41 -0.87
C THR A 10 -8.11 8.89 -1.06
N TRP A 11 -7.05 9.33 -0.38
CA TRP A 11 -6.57 10.71 -0.45
C TRP A 11 -5.35 10.86 -1.36
N TRP A 12 -4.76 9.73 -1.73
CA TRP A 12 -3.56 9.74 -2.54
C TRP A 12 -3.78 9.42 -4.01
N TYR A 13 -4.97 8.95 -4.35
CA TYR A 13 -5.24 8.56 -5.74
C TYR A 13 -4.99 9.62 -6.80
N ASN A 14 -4.25 9.20 -7.82
CA ASN A 14 -3.94 10.07 -8.93
C ASN A 14 -4.31 9.36 -10.22
N PRO A 15 -5.27 9.92 -10.96
CA PRO A 15 -5.69 9.30 -12.21
C PRO A 15 -4.63 9.26 -13.30
N SER A 16 -3.59 10.09 -13.17
CA SER A 16 -2.54 10.17 -14.18
C SER A 16 -1.32 9.31 -13.92
N ILE A 17 -0.99 9.15 -12.64
CA ILE A 17 0.20 8.42 -12.21
C ILE A 17 -0.12 7.40 -11.13
N VAL A 18 0.28 6.15 -11.33
CA VAL A 18 0.02 5.12 -10.33
C VAL A 18 1.02 5.29 -9.19
N VAL A 19 0.52 5.74 -8.04
CA VAL A 19 1.33 5.94 -6.83
C VAL A 19 1.81 4.60 -6.29
N HIS A 20 3.06 4.51 -5.84
CA HIS A 20 3.57 3.25 -5.28
C HIS A 20 2.84 2.98 -3.97
N PRO A 21 2.52 1.69 -3.69
CA PRO A 21 1.81 1.27 -2.47
C PRO A 21 2.40 1.87 -1.19
N HIS A 22 3.72 1.93 -1.15
CA HIS A 22 4.42 2.47 0.01
C HIS A 22 3.91 3.83 0.47
N TRP A 23 3.74 4.77 -0.45
CA TRP A 23 3.25 6.10 -0.09
C TRP A 23 1.76 6.09 0.16
N ARG A 24 1.11 4.99 -0.18
CA ARG A 24 -0.32 4.86 -0.04
C ARG A 24 -0.83 4.47 1.35
N GLU A 25 0.05 3.91 2.17
CA GLU A 25 -0.35 3.47 3.51
C GLU A 25 -0.36 4.60 4.54
N PHE A 26 0.32 5.69 4.24
CA PHE A 26 0.37 6.80 5.18
C PHE A 26 -0.86 7.68 5.16
N ASP A 27 -1.06 8.38 6.26
CA ASP A 27 -2.17 9.30 6.40
C ASP A 27 -1.74 10.54 5.65
N GLN A 28 -2.71 11.37 5.27
CA GLN A 28 -2.39 12.59 4.55
C GLN A 28 -1.92 13.66 5.49
N VAL A 29 -0.75 14.23 5.19
CA VAL A 29 -0.19 15.30 6.00
C VAL A 29 -1.20 16.45 6.04
N PRO A 30 -1.12 17.31 7.07
CA PRO A 30 -2.04 18.45 7.22
C PRO A 30 -1.97 19.49 6.08
N ASP A 31 -3.07 20.22 5.91
CA ASP A 31 -3.12 21.27 4.87
C ASP A 31 -1.95 22.23 5.01
N ALA A 32 -1.74 22.74 6.23
CA ALA A 32 -0.67 23.69 6.47
C ALA A 32 0.67 23.20 5.94
N VAL A 33 0.87 21.89 5.92
CA VAL A 33 2.12 21.31 5.44
C VAL A 33 2.25 21.43 3.92
N TYR A 34 1.14 21.19 3.23
CA TYR A 34 1.14 21.29 1.78
C TYR A 34 1.39 22.73 1.37
N TYR A 35 0.68 23.65 2.04
CA TYR A 35 0.78 25.08 1.76
C TYR A 35 2.18 25.61 2.01
N SER A 36 2.80 25.15 3.09
CA SER A 36 4.14 25.58 3.42
C SER A 36 5.10 25.03 2.36
N LEU A 37 4.85 23.79 1.94
CA LEU A 37 5.70 23.18 0.92
C LEU A 37 5.65 23.98 -0.37
N GLY A 38 4.44 24.32 -0.83
CA GLY A 38 4.28 25.08 -2.05
C GLY A 38 4.93 26.46 -1.95
N ILE A 39 4.71 27.12 -0.83
CA ILE A 39 5.27 28.45 -0.60
C ILE A 39 6.78 28.33 -0.60
N PHE A 40 7.27 27.28 0.07
CA PHE A 40 8.69 27.05 0.16
C PHE A 40 9.35 26.93 -1.21
N ILE A 41 8.95 25.92 -1.99
CA ILE A 41 9.53 25.68 -3.31
C ILE A 41 9.29 26.87 -4.26
N GLY A 42 8.18 27.56 -4.07
CA GLY A 42 7.88 28.72 -4.90
C GLY A 42 8.93 29.81 -4.69
N ILE A 43 9.36 29.96 -3.44
CA ILE A 43 10.37 30.97 -3.13
C ILE A 43 11.75 30.51 -3.62
N CYS A 44 11.93 29.22 -3.82
CA CYS A 44 13.20 28.74 -4.36
C CYS A 44 13.16 29.09 -5.85
N GLY A 45 11.95 29.06 -6.41
CA GLY A 45 11.77 29.40 -7.81
C GLY A 45 12.17 30.85 -8.03
N ILE A 46 11.62 31.74 -7.22
CA ILE A 46 11.91 33.17 -7.32
C ILE A 46 13.41 33.46 -7.15
N ILE A 47 13.96 33.07 -6.00
CA ILE A 47 15.37 33.30 -5.69
C ILE A 47 16.25 32.60 -6.69
N GLY A 48 15.94 31.35 -6.99
CA GLY A 48 16.72 30.58 -7.94
C GLY A 48 16.79 31.22 -9.32
N CYS A 49 15.63 31.45 -9.92
CA CYS A 49 15.60 32.06 -11.25
C CYS A 49 16.14 33.48 -11.18
N GLY A 50 15.75 34.22 -10.15
CA GLY A 50 16.24 35.57 -10.01
C GLY A 50 17.76 35.60 -9.91
N GLY A 51 18.30 34.91 -8.91
CA GLY A 51 19.74 34.89 -8.72
C GLY A 51 20.54 34.30 -9.85
N ASN A 52 20.09 33.19 -10.41
CA ASN A 52 20.82 32.57 -11.50
C ASN A 52 20.76 33.38 -12.80
N GLY A 53 19.66 34.10 -12.98
CA GLY A 53 19.52 34.92 -14.17
C GLY A 53 20.53 36.04 -14.10
N ILE A 54 20.68 36.62 -12.91
CA ILE A 54 21.62 37.70 -12.73
C ILE A 54 23.05 37.28 -13.03
N VAL A 55 23.45 36.09 -12.60
CA VAL A 55 24.81 35.63 -12.88
C VAL A 55 24.99 35.43 -14.37
N ILE A 56 24.01 34.79 -15.01
CA ILE A 56 24.07 34.57 -16.45
C ILE A 56 24.12 35.92 -17.18
N TYR A 57 23.28 36.84 -16.77
CA TYR A 57 23.22 38.17 -17.37
C TYR A 57 24.56 38.88 -17.21
N LEU A 58 24.96 39.09 -15.96
CA LEU A 58 26.21 39.77 -15.64
C LEU A 58 27.46 39.09 -16.23
N PHE A 59 27.57 37.77 -16.11
CA PHE A 59 28.75 37.08 -16.64
C PHE A 59 28.89 37.09 -18.15
N THR A 60 27.78 37.00 -18.88
CA THR A 60 27.85 37.03 -20.33
C THR A 60 28.01 38.44 -20.87
N LYS A 61 27.68 39.45 -20.07
CA LYS A 61 27.76 40.83 -20.53
C LYS A 61 28.84 41.74 -19.95
N THR A 62 29.52 41.33 -18.90
CA THR A 62 30.57 42.16 -18.33
C THR A 62 31.90 41.78 -18.99
N LYS A 63 32.76 42.77 -19.21
CA LYS A 63 34.04 42.55 -19.85
C LYS A 63 35.08 41.91 -18.93
N SER A 64 35.05 42.28 -17.66
CA SER A 64 36.00 41.74 -16.72
C SER A 64 35.72 40.28 -16.39
N LEU A 65 34.56 39.79 -16.81
CA LEU A 65 34.18 38.39 -16.54
C LEU A 65 34.15 37.54 -17.81
N GLN A 66 34.89 37.96 -18.85
CA GLN A 66 34.90 37.25 -20.14
C GLN A 66 35.89 36.10 -20.36
N THR A 67 36.46 35.57 -19.29
CA THR A 67 37.42 34.46 -19.42
C THR A 67 36.69 33.14 -19.70
N PRO A 68 37.34 32.22 -20.45
CA PRO A 68 36.76 30.93 -20.81
C PRO A 68 36.19 30.11 -19.65
N ALA A 69 36.95 30.01 -18.55
CA ALA A 69 36.51 29.24 -17.39
C ALA A 69 35.16 29.70 -16.85
N ASN A 70 34.91 31.02 -16.94
CA ASN A 70 33.65 31.60 -16.47
C ASN A 70 32.44 31.01 -17.19
N MET A 71 32.69 30.38 -18.33
CA MET A 71 31.65 29.74 -19.09
C MET A 71 31.05 28.65 -18.20
N PHE A 72 31.91 27.99 -17.41
CA PHE A 72 31.45 26.93 -16.49
C PHE A 72 30.46 27.54 -15.50
N ILE A 73 30.79 28.74 -15.01
CA ILE A 73 29.93 29.44 -14.07
C ILE A 73 28.56 29.69 -14.69
N ILE A 74 28.57 30.13 -15.94
CA ILE A 74 27.33 30.41 -16.66
C ILE A 74 26.54 29.10 -16.82
N ASN A 75 27.23 28.06 -17.27
CA ASN A 75 26.60 26.75 -17.46
C ASN A 75 25.94 26.27 -16.16
N LEU A 76 26.64 26.50 -15.04
CA LEU A 76 26.16 26.12 -13.72
C LEU A 76 24.88 26.91 -13.38
N ALA A 77 24.90 28.21 -13.68
CA ALA A 77 23.75 29.07 -13.42
C ALA A 77 22.57 28.70 -14.31
N PHE A 78 22.84 28.25 -15.54
CA PHE A 78 21.76 27.86 -16.45
C PHE A 78 21.13 26.62 -15.85
N SER A 79 22.00 25.73 -15.38
CA SER A 79 21.57 24.49 -14.77
C SER A 79 20.68 24.78 -13.58
N ASP A 80 21.15 25.63 -12.68
CA ASP A 80 20.40 25.97 -11.48
C ASP A 80 19.15 26.80 -11.78
N PHE A 81 19.20 27.59 -12.85
CA PHE A 81 18.05 28.38 -13.24
C PHE A 81 16.90 27.43 -13.61
N THR A 82 17.18 26.54 -14.56
CA THR A 82 16.19 25.56 -15.06
C THR A 82 15.69 24.63 -13.97
N PHE A 83 16.55 24.29 -13.02
CA PHE A 83 16.14 23.41 -11.92
C PHE A 83 15.07 24.12 -11.09
N SER A 84 15.40 25.35 -10.70
CA SER A 84 14.52 26.17 -9.89
C SER A 84 13.20 26.47 -10.59
N LEU A 85 13.26 26.68 -11.90
CA LEU A 85 12.08 27.00 -12.69
C LEU A 85 11.11 25.83 -12.74
N VAL A 86 11.60 24.73 -13.29
CA VAL A 86 10.81 23.51 -13.45
C VAL A 86 10.43 22.80 -12.15
N ASN A 87 11.31 22.82 -11.16
CA ASN A 87 11.03 22.12 -9.90
C ASN A 87 10.21 22.92 -8.90
N GLY A 88 9.99 24.20 -9.16
CA GLY A 88 9.23 25.04 -8.24
C GLY A 88 7.85 25.40 -8.74
N PHE A 89 7.73 26.61 -9.26
CA PHE A 89 6.47 27.09 -9.78
C PHE A 89 6.46 26.91 -11.30
N PRO A 90 5.35 26.39 -11.85
CA PRO A 90 4.10 26.04 -11.18
C PRO A 90 3.85 24.55 -10.92
N LEU A 91 4.66 23.67 -11.49
CA LEU A 91 4.42 22.24 -11.33
C LEU A 91 4.26 21.73 -9.89
N MET A 92 5.17 22.11 -8.98
CA MET A 92 5.05 21.65 -7.62
C MET A 92 4.17 22.56 -6.78
N THR A 93 4.50 23.84 -6.78
CA THR A 93 3.73 24.83 -6.02
C THR A 93 2.23 24.67 -6.21
N ILE A 94 1.79 24.62 -7.46
CA ILE A 94 0.36 24.48 -7.74
C ILE A 94 -0.14 23.12 -7.24
N SER A 95 0.68 22.08 -7.40
CA SER A 95 0.31 20.75 -6.95
C SER A 95 0.06 20.74 -5.46
N CYS A 96 0.94 21.40 -4.71
CA CYS A 96 0.79 21.47 -3.27
C CYS A 96 -0.52 22.14 -2.86
N PHE A 97 -0.73 23.37 -3.30
CA PHE A 97 -1.96 24.10 -2.95
C PHE A 97 -3.26 23.36 -3.28
N LEU A 98 -3.17 22.28 -4.05
CA LEU A 98 -4.35 21.50 -4.40
C LEU A 98 -4.23 20.14 -3.75
N LYS A 99 -3.09 19.93 -3.09
CA LYS A 99 -2.84 18.68 -2.41
C LYS A 99 -2.93 17.52 -3.41
N LYS A 100 -2.46 17.78 -4.64
CA LYS A 100 -2.47 16.80 -5.70
C LYS A 100 -1.70 17.25 -6.94
N TRP A 101 -1.04 16.30 -7.61
CA TRP A 101 -0.28 16.57 -8.83
C TRP A 101 -1.27 16.46 -9.98
N ILE A 102 -1.73 17.62 -10.44
CA ILE A 102 -2.72 17.72 -11.50
C ILE A 102 -2.17 17.90 -12.90
N PHE A 103 -0.88 17.63 -13.11
CA PHE A 103 -0.30 17.87 -14.43
C PHE A 103 -0.01 16.69 -15.33
N GLY A 104 -0.49 15.50 -14.95
CA GLY A 104 -0.27 14.33 -15.77
C GLY A 104 1.07 13.63 -15.64
N PHE A 105 1.13 12.40 -16.15
CA PHE A 105 2.33 11.57 -16.10
C PHE A 105 3.49 12.15 -16.91
N ALA A 106 3.20 12.61 -18.12
CA ALA A 106 4.21 13.18 -19.00
C ALA A 106 4.94 14.33 -18.32
N ALA A 107 4.20 15.18 -17.63
CA ALA A 107 4.80 16.31 -16.94
C ALA A 107 5.70 15.80 -15.81
N CYS A 108 5.22 14.80 -15.07
CA CYS A 108 5.95 14.20 -13.97
C CYS A 108 7.30 13.68 -14.47
N LYS A 109 7.28 12.94 -15.57
CA LYS A 109 8.51 12.42 -16.13
C LYS A 109 9.45 13.57 -16.47
N VAL A 110 8.94 14.58 -17.17
CA VAL A 110 9.75 15.74 -17.55
C VAL A 110 10.29 16.39 -16.29
N TYR A 111 9.45 16.49 -15.27
CA TYR A 111 9.84 17.10 -14.01
C TYR A 111 11.01 16.34 -13.39
N GLY A 112 10.79 15.05 -13.14
CA GLY A 112 11.83 14.23 -12.54
C GLY A 112 13.11 14.19 -13.34
N PHE A 113 12.98 14.05 -14.66
CA PHE A 113 14.11 13.98 -15.59
C PHE A 113 14.92 15.29 -15.62
N ILE A 114 14.22 16.41 -15.52
CA ILE A 114 14.83 17.73 -15.52
C ILE A 114 15.54 17.96 -14.20
N GLY A 115 14.94 17.44 -13.13
CA GLY A 115 15.54 17.58 -11.82
C GLY A 115 16.86 16.85 -11.79
N GLY A 116 16.85 15.61 -12.26
CA GLY A 116 18.06 14.82 -12.25
C GLY A 116 19.12 15.29 -13.22
N ILE A 117 18.68 15.61 -14.44
CA ILE A 117 19.57 16.06 -15.50
C ILE A 117 20.40 17.27 -15.10
N PHE A 118 19.80 18.20 -14.37
CA PHE A 118 20.51 19.40 -13.95
C PHE A 118 21.16 19.27 -12.59
N GLY A 119 20.78 18.23 -11.87
CA GLY A 119 21.39 17.96 -10.57
C GLY A 119 22.73 17.36 -10.89
N PHE A 120 22.74 16.46 -11.88
CA PHE A 120 23.97 15.81 -12.31
C PHE A 120 24.86 16.81 -13.01
N MET A 121 24.22 17.80 -13.64
CA MET A 121 24.96 18.82 -14.37
C MET A 121 25.65 19.83 -13.47
N SER A 122 25.03 20.18 -12.35
CA SER A 122 25.65 21.14 -11.47
C SER A 122 26.96 20.63 -10.84
N ILE A 123 27.02 19.36 -10.43
CA ILE A 123 28.25 18.83 -9.85
C ILE A 123 29.30 18.57 -10.93
N MET A 124 28.87 18.05 -12.07
CA MET A 124 29.84 17.78 -13.13
C MET A 124 30.44 19.09 -13.64
N THR A 125 29.61 20.14 -13.65
CA THR A 125 30.09 21.45 -14.09
C THR A 125 31.14 21.86 -13.06
N MET A 126 30.79 21.66 -11.78
CA MET A 126 31.71 22.00 -10.70
C MET A 126 33.00 21.20 -10.88
N ALA A 127 32.87 19.96 -11.36
CA ALA A 127 34.04 19.12 -11.61
C ALA A 127 34.94 19.84 -12.63
N MET A 128 34.36 20.28 -13.74
CA MET A 128 35.12 20.99 -14.77
C MET A 128 35.76 22.24 -14.17
N ILE A 129 35.09 22.84 -13.20
CA ILE A 129 35.63 24.03 -12.56
C ILE A 129 36.77 23.66 -11.65
N SER A 130 36.66 22.49 -11.02
CA SER A 130 37.70 22.01 -10.12
C SER A 130 38.95 21.66 -10.93
N ILE A 131 38.75 21.29 -12.19
CA ILE A 131 39.86 20.95 -13.07
C ILE A 131 40.59 22.23 -13.46
N ASP A 132 39.83 23.27 -13.83
CA ASP A 132 40.43 24.55 -14.21
C ASP A 132 41.30 25.02 -13.04
N ARG A 133 40.73 24.93 -11.84
CA ARG A 133 41.43 25.32 -10.63
C ARG A 133 42.76 24.57 -10.46
N TYR A 134 42.75 23.29 -10.79
CA TYR A 134 43.96 22.48 -10.68
C TYR A 134 45.02 22.90 -11.71
N ASN A 135 44.57 23.34 -12.89
CA ASN A 135 45.49 23.75 -13.93
C ASN A 135 46.13 25.11 -13.64
N VAL A 136 45.39 25.98 -12.98
CA VAL A 136 45.91 27.31 -12.65
C VAL A 136 46.58 27.35 -11.28
N ILE A 137 46.06 26.60 -10.32
CA ILE A 137 46.60 26.58 -8.97
C ILE A 137 47.17 25.24 -8.54
N GLY A 138 46.55 24.15 -8.99
CA GLY A 138 46.99 22.82 -8.63
C GLY A 138 48.36 22.42 -9.14
N ARG A 139 48.75 22.92 -10.31
CA ARG A 139 50.04 22.61 -10.91
C ARG A 139 51.07 23.67 -10.53
N PRO A 140 52.36 23.44 -10.86
CA PRO A 140 53.39 24.43 -10.51
C PRO A 140 53.28 25.69 -11.38
N MET A 141 53.61 26.84 -10.80
CA MET A 141 53.54 28.12 -11.50
C MET A 141 54.22 28.12 -12.86
N ALA A 142 55.24 27.28 -13.02
CA ALA A 142 55.97 27.18 -14.28
C ALA A 142 55.12 26.53 -15.37
N ALA A 143 54.28 25.58 -14.96
CA ALA A 143 53.42 24.87 -15.90
C ALA A 143 51.95 25.28 -15.83
N SER A 144 51.67 26.33 -15.06
CA SER A 144 50.31 26.84 -14.92
C SER A 144 49.64 26.97 -16.28
N LYS A 145 48.39 26.51 -16.37
CA LYS A 145 47.66 26.56 -17.62
C LYS A 145 46.28 27.18 -17.43
N LYS A 146 45.95 28.17 -18.26
CA LYS A 146 44.64 28.84 -18.18
C LYS A 146 43.66 28.13 -19.12
N MET A 147 42.37 28.26 -18.82
CA MET A 147 41.33 27.64 -19.63
C MET A 147 41.18 28.33 -20.99
N SER A 148 40.96 27.53 -22.03
CA SER A 148 40.77 28.08 -23.36
C SER A 148 39.34 27.80 -23.81
N HIS A 149 38.81 28.68 -24.65
CA HIS A 149 37.45 28.52 -25.16
C HIS A 149 37.29 27.13 -25.76
N ARG A 150 38.25 26.70 -26.57
CA ARG A 150 38.18 25.37 -27.17
C ARG A 150 37.93 24.36 -26.08
N ARG A 151 38.90 24.22 -25.18
CA ARG A 151 38.78 23.28 -24.06
C ARG A 151 37.43 23.42 -23.35
N ALA A 152 37.19 24.59 -22.75
CA ALA A 152 35.96 24.84 -22.03
C ALA A 152 34.72 24.37 -22.81
N PHE A 153 34.60 24.80 -24.07
CA PHE A 153 33.46 24.40 -24.88
C PHE A 153 33.30 22.88 -24.95
N ILE A 154 34.40 22.17 -25.16
CA ILE A 154 34.36 20.71 -25.23
C ILE A 154 33.96 20.15 -23.88
N MET A 155 34.49 20.71 -22.81
CA MET A 155 34.17 20.24 -21.48
C MET A 155 32.68 20.32 -21.15
N ILE A 156 32.03 21.45 -21.42
CA ILE A 156 30.59 21.56 -21.16
C ILE A 156 29.79 20.57 -22.02
N ILE A 157 30.27 20.31 -23.24
CA ILE A 157 29.59 19.36 -24.11
C ILE A 157 29.64 17.99 -23.42
N PHE A 158 30.76 17.69 -22.79
CA PHE A 158 30.88 16.43 -22.07
C PHE A 158 29.86 16.47 -20.92
N VAL A 159 29.83 17.61 -20.23
CA VAL A 159 28.91 17.81 -19.13
C VAL A 159 27.47 17.53 -19.55
N TRP A 160 27.05 18.14 -20.65
CA TRP A 160 25.69 17.95 -21.12
C TRP A 160 25.42 16.51 -21.50
N LEU A 161 26.31 15.91 -22.28
CA LEU A 161 26.12 14.51 -22.66
C LEU A 161 26.03 13.64 -21.43
N TRP A 162 27.03 13.75 -20.55
CA TRP A 162 27.07 12.99 -19.32
C TRP A 162 25.76 13.14 -18.54
N SER A 163 25.39 14.38 -18.21
CA SER A 163 24.17 14.67 -17.45
C SER A 163 22.92 14.03 -18.03
N VAL A 164 22.71 14.20 -19.33
CA VAL A 164 21.53 13.62 -19.96
C VAL A 164 21.61 12.10 -19.89
N LEU A 165 22.79 11.56 -20.17
CA LEU A 165 23.02 10.12 -20.15
C LEU A 165 22.59 9.39 -18.89
N TRP A 166 23.02 9.89 -17.74
CA TRP A 166 22.67 9.24 -16.47
C TRP A 166 21.32 9.61 -15.90
N ALA A 167 20.56 10.47 -16.56
CA ALA A 167 19.25 10.84 -16.04
C ALA A 167 18.15 10.39 -16.98
N ILE A 168 18.51 10.01 -18.20
CA ILE A 168 17.51 9.59 -19.17
C ILE A 168 17.08 8.13 -19.06
N GLY A 169 17.78 7.36 -18.25
CA GLY A 169 17.43 5.96 -18.10
C GLY A 169 15.95 5.77 -17.89
N PRO A 170 15.38 6.27 -16.79
CA PRO A 170 13.95 6.13 -16.50
C PRO A 170 13.05 6.51 -17.66
N ILE A 171 13.55 7.36 -18.54
CA ILE A 171 12.75 7.79 -19.68
C ILE A 171 12.52 6.62 -20.62
N PHE A 172 13.45 5.67 -20.61
CA PHE A 172 13.34 4.50 -21.47
C PHE A 172 13.05 3.18 -20.77
N GLY A 173 12.60 3.25 -19.52
CA GLY A 173 12.28 2.03 -18.79
C GLY A 173 13.31 1.59 -17.77
N TRP A 174 14.55 2.01 -17.99
CA TRP A 174 15.64 1.66 -17.08
C TRP A 174 15.49 2.53 -15.84
N GLY A 175 14.39 2.31 -15.14
CA GLY A 175 14.09 3.07 -13.95
C GLY A 175 12.78 3.80 -14.17
N ALA A 176 12.46 4.74 -13.28
CA ALA A 176 11.22 5.46 -13.46
C ALA A 176 11.18 6.78 -12.72
N TYR A 177 10.30 7.65 -13.20
CA TYR A 177 10.10 8.95 -12.59
C TYR A 177 8.64 8.97 -12.19
N THR A 178 8.40 9.04 -10.90
CA THR A 178 7.06 9.04 -10.40
C THR A 178 6.97 9.94 -9.17
N LEU A 179 5.78 10.01 -8.56
CA LEU A 179 5.54 10.82 -7.38
C LEU A 179 6.21 10.22 -6.13
N GLU A 180 6.58 11.09 -5.20
CA GLU A 180 7.20 10.66 -3.95
C GLU A 180 6.60 11.44 -2.79
N GLY A 181 6.97 11.07 -1.58
CA GLY A 181 6.49 11.76 -0.39
C GLY A 181 5.00 12.06 -0.37
N VAL A 182 4.67 13.34 -0.29
CA VAL A 182 3.28 13.78 -0.26
C VAL A 182 2.62 13.77 -1.64
N LEU A 183 3.36 13.28 -2.63
CA LEU A 183 2.87 13.15 -4.00
C LEU A 183 2.55 14.45 -4.73
N CYS A 184 3.41 15.47 -4.56
CA CYS A 184 3.20 16.75 -5.23
C CYS A 184 4.41 17.20 -6.00
N ASN A 185 5.31 16.26 -6.26
CA ASN A 185 6.49 16.53 -7.05
C ASN A 185 6.95 15.14 -7.48
N CYS A 186 7.84 15.09 -8.45
CA CYS A 186 8.32 13.80 -8.94
C CYS A 186 9.82 13.64 -8.80
N SER A 187 10.29 12.41 -8.96
CA SER A 187 11.71 12.09 -8.86
C SER A 187 11.85 10.66 -9.40
N PHE A 188 13.03 10.06 -9.25
CA PHE A 188 13.23 8.70 -9.72
C PHE A 188 12.71 7.70 -8.70
N ASP A 189 12.39 6.49 -9.16
CA ASP A 189 11.87 5.45 -8.28
C ASP A 189 12.97 4.73 -7.50
N TYR A 190 13.05 5.01 -6.20
CA TYR A 190 14.06 4.40 -5.33
C TYR A 190 13.42 3.36 -4.41
N ILE A 191 12.15 3.08 -4.64
CA ILE A 191 11.43 2.11 -3.84
C ILE A 191 11.46 0.73 -4.50
N SER A 192 11.02 0.64 -5.75
CA SER A 192 11.02 -0.63 -6.46
C SER A 192 12.43 -1.21 -6.46
N ARG A 193 12.54 -2.51 -6.17
CA ARG A 193 13.83 -3.17 -6.07
C ARG A 193 14.17 -4.21 -7.13
N ASP A 194 13.56 -4.09 -8.30
CA ASP A 194 13.83 -5.01 -9.39
C ASP A 194 15.22 -4.77 -9.95
N SER A 195 15.75 -5.77 -10.65
CA SER A 195 17.08 -5.68 -11.25
C SER A 195 17.24 -4.37 -12.01
N THR A 196 16.32 -4.11 -12.94
CA THR A 196 16.34 -2.90 -13.75
C THR A 196 16.46 -1.62 -12.92
N THR A 197 15.46 -1.38 -12.07
CA THR A 197 15.44 -0.19 -11.23
C THR A 197 16.71 -0.01 -10.39
N ARG A 198 17.17 -1.10 -9.77
CA ARG A 198 18.34 -1.03 -8.92
C ARG A 198 19.63 -0.71 -9.66
N SER A 199 19.77 -1.21 -10.89
CA SER A 199 20.97 -0.95 -11.68
C SER A 199 21.03 0.53 -12.05
N ASN A 200 19.89 1.10 -12.43
CA ASN A 200 19.83 2.50 -12.78
C ASN A 200 20.18 3.35 -11.55
N ILE A 201 19.67 2.95 -10.38
CA ILE A 201 19.95 3.68 -9.15
C ILE A 201 21.46 3.64 -8.90
N LEU A 202 22.03 2.45 -8.96
CA LEU A 202 23.45 2.28 -8.74
C LEU A 202 24.25 3.11 -9.75
N CYS A 203 23.74 3.19 -10.98
CA CYS A 203 24.40 3.98 -12.01
C CYS A 203 24.31 5.47 -11.68
N MET A 204 23.14 5.91 -11.23
CA MET A 204 22.93 7.31 -10.89
C MET A 204 23.89 7.72 -9.80
N PHE A 205 23.89 6.97 -8.71
CA PHE A 205 24.74 7.24 -7.57
C PHE A 205 26.22 7.18 -7.89
N ILE A 206 26.63 6.13 -8.59
CA ILE A 206 28.04 5.96 -8.91
C ILE A 206 28.51 6.83 -10.07
N LEU A 207 27.84 6.75 -11.21
CA LEU A 207 28.23 7.55 -12.36
C LEU A 207 27.84 9.02 -12.24
N GLY A 208 26.59 9.26 -11.84
CA GLY A 208 26.13 10.63 -11.71
C GLY A 208 26.64 11.41 -10.51
N PHE A 209 26.76 10.76 -9.36
CA PHE A 209 27.21 11.42 -8.14
C PHE A 209 28.68 11.18 -7.77
N PHE A 210 29.02 9.96 -7.36
CA PHE A 210 30.39 9.65 -6.96
C PHE A 210 31.42 10.04 -8.03
N GLY A 211 31.04 9.85 -9.28
CA GLY A 211 31.94 10.19 -10.38
C GLY A 211 32.58 11.55 -10.23
N PRO A 212 31.83 12.63 -10.52
CA PRO A 212 32.32 14.01 -10.42
C PRO A 212 32.97 14.32 -9.07
N ILE A 213 32.53 13.62 -8.03
CA ILE A 213 33.10 13.82 -6.71
C ILE A 213 34.59 13.45 -6.73
N LEU A 214 34.91 12.32 -7.35
CA LEU A 214 36.29 11.87 -7.47
C LEU A 214 37.13 12.94 -8.16
N ILE A 215 36.60 13.46 -9.26
CA ILE A 215 37.28 14.51 -10.01
C ILE A 215 37.51 15.68 -9.07
N ILE A 216 36.47 16.06 -8.35
CA ILE A 216 36.58 17.16 -7.40
C ILE A 216 37.71 16.91 -6.41
N PHE A 217 37.56 15.91 -5.55
CA PHE A 217 38.58 15.57 -4.55
C PHE A 217 39.99 15.45 -5.15
N PHE A 218 40.10 14.75 -6.29
CA PHE A 218 41.38 14.56 -6.95
C PHE A 218 42.02 15.88 -7.37
N CYS A 219 41.17 16.88 -7.64
CA CYS A 219 41.65 18.20 -8.05
C CYS A 219 41.96 19.08 -6.86
N TYR A 220 41.08 19.10 -5.87
CA TYR A 220 41.30 19.92 -4.70
C TYR A 220 42.36 19.32 -3.80
N PHE A 221 42.31 18.00 -3.59
CA PHE A 221 43.31 17.38 -2.76
C PHE A 221 44.66 17.57 -3.45
N ASN A 222 44.61 17.76 -4.76
CA ASN A 222 45.80 17.95 -5.57
C ASN A 222 46.28 19.40 -5.49
N ILE A 223 45.37 20.29 -5.12
CA ILE A 223 45.68 21.72 -4.99
C ILE A 223 46.25 21.94 -3.58
N VAL A 224 45.85 21.08 -2.66
CA VAL A 224 46.31 21.15 -1.28
C VAL A 224 47.72 20.57 -1.21
N MET A 225 47.91 19.41 -1.84
CA MET A 225 49.21 18.74 -1.87
C MET A 225 50.07 19.41 -2.94
N SER A 226 49.99 20.74 -2.98
CA SER A 226 50.76 21.51 -3.95
C SER A 226 50.89 22.94 -3.43
N VAL A 227 50.27 23.20 -2.28
CA VAL A 227 50.33 24.53 -1.69
C VAL A 227 51.77 24.77 -1.27
N SER A 228 52.44 23.69 -0.87
CA SER A 228 53.84 23.76 -0.46
C SER A 228 54.75 23.65 -1.67
N ASN A 229 54.32 22.85 -2.65
CA ASN A 229 55.09 22.69 -3.89
C ASN A 229 55.23 24.11 -4.43
N HIS A 230 54.18 24.90 -4.23
CA HIS A 230 54.12 26.29 -4.65
C HIS A 230 54.79 27.20 -3.64
N GLU A 231 54.68 26.86 -2.35
CA GLU A 231 55.28 27.65 -1.29
C GLU A 231 56.77 27.82 -1.55
N LYS A 232 57.46 26.72 -1.83
CA LYS A 232 58.89 26.75 -2.11
C LYS A 232 59.12 27.50 -3.41
N GLU A 233 58.52 27.00 -4.48
CA GLU A 233 58.65 27.59 -5.81
C GLU A 233 58.50 29.10 -5.84
N MET A 234 57.57 29.63 -5.05
CA MET A 234 57.36 31.07 -4.99
C MET A 234 58.64 31.78 -4.57
N ALA A 235 59.35 31.18 -3.62
CA ALA A 235 60.60 31.75 -3.12
C ALA A 235 61.75 31.65 -4.13
N ALA A 236 61.94 30.45 -4.68
CA ALA A 236 63.01 30.21 -5.66
C ALA A 236 63.01 31.25 -6.77
N MET A 237 61.82 31.62 -7.24
CA MET A 237 61.69 32.61 -8.31
C MET A 237 61.72 34.02 -7.70
N ALA A 238 61.31 34.11 -6.44
CA ALA A 238 61.27 35.38 -5.73
C ALA A 238 62.65 36.02 -5.65
N LYS A 239 63.60 35.27 -5.09
CA LYS A 239 64.98 35.75 -4.96
C LYS A 239 65.69 35.59 -6.30
N ARG A 240 64.95 35.07 -7.27
CA ARG A 240 65.48 34.84 -8.62
C ARG A 240 65.54 36.15 -9.41
N LEU A 241 66.08 37.17 -8.76
CA LEU A 241 66.25 38.48 -9.35
C LEU A 241 64.93 39.04 -9.84
N ASN A 242 63.87 38.49 -9.25
CA ASN A 242 62.52 38.91 -9.51
C ASN A 242 62.32 40.20 -8.71
N ALA A 243 62.30 41.32 -9.43
CA ALA A 243 62.15 42.63 -8.73
C ALA A 243 60.71 42.89 -8.20
N LYS A 244 60.44 44.16 -7.85
CA LYS A 244 59.14 44.55 -7.26
C LYS A 244 57.96 43.93 -8.00
N GLU A 245 58.22 43.62 -9.27
CA GLU A 245 57.30 42.98 -10.19
C GLU A 245 56.79 41.63 -9.66
N LEU A 246 57.48 41.05 -8.68
CA LEU A 246 57.07 39.77 -8.09
C LEU A 246 55.68 39.88 -7.46
N ARG A 247 55.41 41.02 -6.84
CA ARG A 247 54.13 41.28 -6.20
C ARG A 247 53.00 40.94 -7.14
N LYS A 248 53.11 41.38 -8.39
CA LYS A 248 52.11 41.10 -9.41
C LYS A 248 51.76 39.61 -9.33
N ALA A 249 52.73 38.76 -9.67
CA ALA A 249 52.54 37.32 -9.65
C ALA A 249 51.85 36.84 -8.39
N GLN A 250 52.24 37.40 -7.24
CA GLN A 250 51.64 37.00 -5.98
C GLN A 250 50.16 37.33 -5.94
N ALA A 251 49.80 38.54 -6.38
CA ALA A 251 48.39 38.95 -6.39
C ALA A 251 47.57 37.98 -7.23
N GLY A 252 48.13 37.57 -8.36
CA GLY A 252 47.44 36.64 -9.24
C GLY A 252 47.08 35.35 -8.51
N ALA A 253 48.06 34.80 -7.81
CA ALA A 253 47.84 33.56 -7.06
C ALA A 253 46.75 33.75 -6.01
N ASN A 254 46.74 34.91 -5.35
CA ASN A 254 45.74 35.21 -4.32
C ASN A 254 44.35 35.21 -4.97
N ALA A 255 44.25 35.96 -6.07
CA ALA A 255 43.02 36.08 -6.82
C ALA A 255 42.49 34.71 -7.23
N GLU A 256 43.36 33.89 -7.82
CA GLU A 256 42.98 32.54 -8.26
C GLU A 256 42.59 31.67 -7.07
N MET A 257 43.37 31.77 -5.99
CA MET A 257 43.13 31.00 -4.79
C MET A 257 41.74 31.30 -4.24
N ARG A 258 41.38 32.58 -4.23
CA ARG A 258 40.06 32.97 -3.73
C ARG A 258 38.95 32.27 -4.51
N LEU A 259 39.08 32.27 -5.83
CA LEU A 259 38.09 31.63 -6.68
C LEU A 259 38.04 30.13 -6.41
N ALA A 260 39.21 29.53 -6.21
CA ALA A 260 39.30 28.10 -5.91
C ALA A 260 38.55 27.85 -4.62
N LYS A 261 38.72 28.76 -3.67
CA LYS A 261 38.04 28.65 -2.40
C LYS A 261 36.54 28.64 -2.66
N ILE A 262 36.06 29.67 -3.36
CA ILE A 262 34.65 29.77 -3.70
C ILE A 262 34.13 28.44 -4.25
N SER A 263 34.84 27.90 -5.25
CA SER A 263 34.48 26.63 -5.87
C SER A 263 34.16 25.57 -4.83
N ILE A 264 35.01 25.48 -3.82
CA ILE A 264 34.83 24.48 -2.76
C ILE A 264 33.59 24.75 -1.93
N VAL A 265 33.28 26.01 -1.66
CA VAL A 265 32.09 26.30 -0.86
C VAL A 265 30.81 25.90 -1.60
N ILE A 266 30.73 26.20 -2.90
CA ILE A 266 29.54 25.85 -3.67
C ILE A 266 29.41 24.35 -3.81
N VAL A 267 30.55 23.65 -3.85
CA VAL A 267 30.57 22.20 -3.93
C VAL A 267 30.08 21.66 -2.58
N SER A 268 30.61 22.24 -1.51
CA SER A 268 30.23 21.82 -0.17
C SER A 268 28.73 22.01 -0.02
N GLN A 269 28.23 23.10 -0.58
CA GLN A 269 26.81 23.45 -0.54
C GLN A 269 26.00 22.35 -1.22
N PHE A 270 26.46 21.92 -2.40
CA PHE A 270 25.79 20.90 -3.15
C PHE A 270 25.69 19.59 -2.38
N LEU A 271 26.84 19.14 -1.87
CA LEU A 271 26.90 17.91 -1.09
C LEU A 271 26.02 17.97 0.15
N LEU A 272 26.19 19.02 0.96
CA LEU A 272 25.39 19.16 2.16
C LEU A 272 23.91 19.16 1.83
N SER A 273 23.57 19.68 0.66
CA SER A 273 22.18 19.76 0.24
C SER A 273 21.61 18.45 -0.32
N TRP A 274 22.41 17.72 -1.09
CA TRP A 274 21.91 16.47 -1.68
C TRP A 274 22.16 15.19 -0.89
N SER A 275 23.29 15.11 -0.20
CA SER A 275 23.62 13.90 0.55
C SER A 275 22.52 13.35 1.45
N PRO A 276 21.82 14.23 2.17
CA PRO A 276 20.74 13.70 3.03
C PRO A 276 19.72 12.88 2.22
N TYR A 277 19.08 13.56 1.25
CA TYR A 277 18.08 12.95 0.38
C TYR A 277 18.63 11.67 -0.24
N ALA A 278 19.85 11.75 -0.74
CA ALA A 278 20.50 10.60 -1.35
C ALA A 278 20.41 9.41 -0.40
N VAL A 279 20.82 9.66 0.85
CA VAL A 279 20.80 8.63 1.87
C VAL A 279 19.41 8.06 2.09
N VAL A 280 18.42 8.94 2.26
CA VAL A 280 17.05 8.47 2.47
C VAL A 280 16.60 7.57 1.32
N ALA A 281 17.10 7.88 0.13
CA ALA A 281 16.74 7.09 -1.04
C ALA A 281 17.33 5.69 -0.90
N LEU A 282 18.62 5.65 -0.56
CA LEU A 282 19.33 4.40 -0.40
C LEU A 282 18.70 3.49 0.65
N LEU A 283 18.20 4.09 1.72
CA LEU A 283 17.54 3.31 2.76
C LEU A 283 16.32 2.62 2.16
N ALA A 284 15.56 3.37 1.39
CA ALA A 284 14.35 2.84 0.78
C ALA A 284 14.65 1.76 -0.25
N GLN A 285 15.85 1.80 -0.84
CA GLN A 285 16.23 0.81 -1.86
C GLN A 285 17.04 -0.36 -1.28
N PHE A 286 17.66 -0.15 -0.12
CA PHE A 286 18.47 -1.19 0.49
C PHE A 286 18.20 -1.47 1.97
N GLY A 287 17.55 -0.54 2.65
CA GLY A 287 17.30 -0.73 4.07
C GLY A 287 15.84 -0.75 4.49
N PRO A 288 15.57 -0.32 5.72
CA PRO A 288 14.22 -0.27 6.31
C PRO A 288 13.28 0.71 5.60
N LEU A 289 12.53 0.23 4.61
CA LEU A 289 11.61 1.10 3.90
C LEU A 289 10.66 1.75 4.91
N GLU A 290 10.51 1.14 6.07
CA GLU A 290 9.61 1.70 7.07
C GLU A 290 10.13 3.03 7.60
N TRP A 291 11.42 3.28 7.40
CA TRP A 291 12.02 4.52 7.83
C TRP A 291 11.60 5.65 6.88
N VAL A 292 11.50 5.31 5.60
CA VAL A 292 11.13 6.28 4.58
C VAL A 292 9.70 6.74 4.68
N THR A 293 9.43 7.64 5.62
CA THR A 293 8.10 8.18 5.83
C THR A 293 7.89 9.44 4.97
N PRO A 294 6.63 9.86 4.81
CA PRO A 294 6.30 11.05 4.03
C PRO A 294 7.26 12.23 4.31
N TYR A 295 7.53 12.52 5.57
CA TYR A 295 8.45 13.61 5.94
C TYR A 295 9.89 13.16 5.76
N ALA A 296 10.16 11.88 6.00
CA ALA A 296 11.51 11.33 5.86
C ALA A 296 12.05 11.63 4.47
N ALA A 297 11.16 11.55 3.49
CA ALA A 297 11.53 11.81 2.10
C ALA A 297 11.31 13.29 1.73
N GLN A 298 10.12 13.81 2.02
CA GLN A 298 9.80 15.19 1.68
C GLN A 298 10.77 16.27 2.18
N LEU A 299 10.86 16.45 3.49
CA LEU A 299 11.73 17.48 4.06
C LEU A 299 13.17 17.45 3.53
N PRO A 300 13.73 16.25 3.31
CA PRO A 300 15.11 16.23 2.79
C PRO A 300 15.17 16.53 1.27
N VAL A 301 14.06 16.33 0.56
CA VAL A 301 14.04 16.63 -0.87
C VAL A 301 13.94 18.13 -1.07
N MET A 302 13.20 18.80 -0.17
CA MET A 302 13.07 20.25 -0.25
C MET A 302 14.46 20.87 -0.07
N PHE A 303 15.19 20.39 0.92
CA PHE A 303 16.53 20.86 1.21
C PHE A 303 17.38 20.69 -0.04
N ALA A 304 17.23 19.54 -0.69
CA ALA A 304 17.99 19.27 -1.91
C ALA A 304 17.60 20.21 -3.06
N LYS A 305 16.30 20.36 -3.28
CA LYS A 305 15.84 21.24 -4.35
C LYS A 305 16.32 22.68 -4.22
N ALA A 306 16.41 23.19 -2.99
CA ALA A 306 16.86 24.55 -2.76
C ALA A 306 18.33 24.73 -3.11
N SER A 307 19.06 23.63 -3.22
CA SER A 307 20.48 23.68 -3.56
C SER A 307 20.74 24.58 -4.75
N ALA A 308 19.87 24.51 -5.75
CA ALA A 308 20.03 25.30 -6.96
C ALA A 308 19.87 26.82 -6.80
N ILE A 309 19.65 27.30 -5.59
CA ILE A 309 19.47 28.73 -5.37
C ILE A 309 20.55 29.33 -4.49
N HIS A 310 21.65 28.60 -4.26
CA HIS A 310 22.69 29.11 -3.37
C HIS A 310 23.91 29.77 -3.99
N ASN A 311 24.46 29.18 -5.03
CA ASN A 311 25.67 29.74 -5.65
C ASN A 311 25.60 31.24 -5.89
N PRO A 312 24.52 31.74 -6.51
CA PRO A 312 24.42 33.18 -6.75
C PRO A 312 24.65 34.01 -5.47
N MET A 313 23.99 33.63 -4.39
CA MET A 313 24.16 34.35 -3.14
C MET A 313 25.58 34.17 -2.59
N ILE A 314 26.17 32.99 -2.81
CA ILE A 314 27.53 32.71 -2.36
C ILE A 314 28.46 33.67 -3.09
N TYR A 315 28.28 33.75 -4.40
CA TYR A 315 29.08 34.63 -5.27
C TYR A 315 28.98 36.09 -4.83
N SER A 316 27.76 36.54 -4.55
CA SER A 316 27.50 37.91 -4.17
C SER A 316 28.20 38.39 -2.91
N VAL A 317 28.65 37.47 -2.06
CA VAL A 317 29.33 37.86 -0.83
C VAL A 317 30.82 37.55 -0.84
N SER A 318 31.32 36.91 -1.90
CA SER A 318 32.72 36.53 -1.95
C SER A 318 33.41 36.73 -3.28
N HIS A 319 32.65 36.96 -4.35
CA HIS A 319 33.23 37.13 -5.67
C HIS A 319 33.44 38.61 -6.01
N PRO A 320 34.67 39.11 -5.88
CA PRO A 320 34.99 40.51 -6.16
C PRO A 320 34.54 41.09 -7.51
N LYS A 321 35.05 40.56 -8.61
CA LYS A 321 34.63 41.10 -9.90
C LYS A 321 33.12 41.05 -10.04
N PHE A 322 32.51 39.95 -9.63
CA PHE A 322 31.06 39.80 -9.71
C PHE A 322 30.36 40.83 -8.84
N ARG A 323 30.88 41.02 -7.62
CA ARG A 323 30.31 41.98 -6.69
C ARG A 323 30.43 43.39 -7.27
N GLU A 324 31.50 43.61 -8.04
CA GLU A 324 31.73 44.91 -8.66
C GLU A 324 30.57 45.14 -9.62
N ALA A 325 30.44 44.24 -10.59
CA ALA A 325 29.38 44.30 -11.59
C ALA A 325 28.01 44.54 -10.97
N ILE A 326 27.69 43.85 -9.89
CA ILE A 326 26.39 44.04 -9.26
C ILE A 326 26.25 45.50 -8.81
N SER A 327 27.25 46.00 -8.10
CA SER A 327 27.21 47.38 -7.62
C SER A 327 26.97 48.36 -8.76
N GLN A 328 27.48 48.01 -9.94
CA GLN A 328 27.35 48.84 -11.13
C GLN A 328 26.07 48.64 -11.93
N THR A 329 25.28 47.60 -11.62
CA THR A 329 24.06 47.37 -12.38
C THR A 329 22.79 47.13 -11.54
N PHE A 330 22.91 46.38 -10.45
CA PHE A 330 21.78 46.09 -9.57
C PHE A 330 22.22 46.33 -8.12
N PRO A 331 22.88 47.48 -7.86
CA PRO A 331 23.38 47.84 -6.54
C PRO A 331 22.50 47.56 -5.33
N TRP A 332 21.17 47.56 -5.47
CA TRP A 332 20.35 47.30 -4.30
C TRP A 332 20.64 45.94 -3.69
N VAL A 333 21.01 44.98 -4.55
CA VAL A 333 21.32 43.64 -4.10
C VAL A 333 22.48 43.60 -3.11
N LEU A 334 23.47 44.47 -3.30
CA LEU A 334 24.64 44.51 -2.42
C LEU A 334 24.49 45.41 -1.20
N THR A 335 23.26 45.74 -0.83
CA THR A 335 23.03 46.59 0.33
C THR A 335 23.75 46.06 1.55
N CYS A 336 23.26 44.94 2.09
CA CYS A 336 23.85 44.33 3.26
C CYS A 336 25.27 43.79 2.99
N CYS A 337 25.68 43.78 1.73
CA CYS A 337 27.01 43.28 1.35
C CYS A 337 27.77 44.34 0.55
N GLN A 338 27.69 45.60 0.99
CA GLN A 338 28.32 46.73 0.32
C GLN A 338 29.66 46.48 -0.34
N PHE A 339 29.79 46.97 -1.57
CA PHE A 339 31.02 46.81 -2.34
C PHE A 339 32.02 47.94 -2.13
N ASP A 340 33.29 47.64 -2.35
CA ASP A 340 34.35 48.62 -2.21
C ASP A 340 35.46 48.34 -3.21
N ASP A 341 36.13 49.40 -3.63
CA ASP A 341 37.22 49.28 -4.60
C ASP A 341 38.29 48.31 -4.16
N LYS A 342 38.67 48.36 -2.88
CA LYS A 342 39.70 47.48 -2.35
C LYS A 342 39.50 46.00 -2.64
N GLU A 343 38.26 45.60 -2.94
CA GLU A 343 37.96 44.20 -3.23
C GLU A 343 38.55 43.71 -4.55
N THR A 344 38.80 44.65 -5.45
CA THR A 344 39.34 44.33 -6.78
C THR A 344 40.83 44.58 -6.97
N GLU A 345 41.48 45.08 -5.92
CA GLU A 345 42.91 45.39 -5.98
C GLU A 345 43.76 44.24 -6.49
N ASP A 346 43.67 43.08 -5.84
CA ASP A 346 44.45 41.91 -6.24
C ASP A 346 44.32 41.57 -7.72
N ASP A 347 43.17 41.90 -8.32
CA ASP A 347 42.98 41.63 -9.74
C ASP A 347 43.67 42.71 -10.58
N LYS A 348 43.77 43.91 -10.01
CA LYS A 348 44.41 45.03 -10.69
C LYS A 348 45.90 44.73 -10.93
N ASP A 349 46.62 44.44 -9.85
CA ASP A 349 48.04 44.13 -9.91
C ASP A 349 48.32 42.88 -10.74
N ALA A 350 47.51 41.85 -10.55
CA ALA A 350 47.69 40.60 -11.27
C ALA A 350 47.62 40.77 -12.78
N GLU A 351 46.88 41.79 -13.22
CA GLU A 351 46.74 42.04 -14.66
C GLU A 351 47.53 43.24 -15.18
N THR A 352 47.85 44.19 -14.30
CA THR A 352 48.64 45.35 -14.72
C THR A 352 49.98 44.83 -15.24
N GLU A 353 50.20 44.95 -16.54
CA GLU A 353 51.44 44.46 -17.14
C GLU A 353 52.64 45.38 -16.91
N ILE A 354 53.81 44.77 -16.79
CA ILE A 354 55.05 45.50 -16.56
C ILE A 354 55.75 45.86 -17.88
N PRO A 355 56.01 47.15 -18.11
CA PRO A 355 56.66 47.68 -19.32
C PRO A 355 58.17 47.42 -19.47
N ALA A 356 58.55 46.20 -19.80
CA ALA A 356 59.96 45.86 -19.97
C ALA A 356 60.72 46.09 -18.67
N GLY A 357 60.50 45.21 -17.69
CA GLY A 357 61.15 45.33 -16.40
C GLY A 357 60.69 46.63 -15.75
N GLU A 358 59.54 47.13 -16.19
CA GLU A 358 58.94 48.36 -15.69
C GLU A 358 59.74 49.57 -16.17
N GLU B 9 0.62 7.73 13.63
CA GLU B 9 0.90 8.11 12.21
C GLU B 9 -0.13 7.53 11.23
N THR B 10 -0.46 6.25 11.39
CA THR B 10 -1.45 5.62 10.51
C THR B 10 -2.67 5.31 11.37
N TRP B 11 -3.70 4.76 10.73
CA TRP B 11 -4.94 4.43 11.43
C TRP B 11 -5.23 2.93 11.41
N TRP B 12 -4.63 2.24 10.46
CA TRP B 12 -4.87 0.81 10.31
C TRP B 12 -3.86 -0.01 11.11
N TYR B 13 -2.72 0.59 11.40
CA TYR B 13 -1.65 -0.10 12.14
C TYR B 13 -2.09 -0.93 13.33
N ASN B 14 -1.57 -2.14 13.39
CA ASN B 14 -1.89 -3.04 14.50
C ASN B 14 -0.59 -3.59 15.05
N PRO B 15 -0.34 -3.37 16.35
CA PRO B 15 0.89 -3.86 16.97
C PRO B 15 1.00 -5.38 17.01
N SER B 16 -0.13 -6.07 16.87
CA SER B 16 -0.16 -7.53 16.92
C SER B 16 -0.16 -8.25 15.56
N ILE B 17 -0.88 -7.72 14.59
CA ILE B 17 -1.00 -8.35 13.28
C ILE B 17 -0.52 -7.45 12.15
N VAL B 18 0.27 -8.00 11.22
CA VAL B 18 0.74 -7.21 10.07
C VAL B 18 -0.43 -7.12 9.10
N VAL B 19 -0.99 -5.92 8.96
CA VAL B 19 -2.11 -5.72 8.05
C VAL B 19 -1.60 -5.77 6.61
N HIS B 20 -2.36 -6.40 5.72
CA HIS B 20 -1.98 -6.49 4.33
C HIS B 20 -2.04 -5.11 3.71
N PRO B 21 -1.03 -4.76 2.88
CA PRO B 21 -0.91 -3.48 2.19
C PRO B 21 -2.23 -3.04 1.54
N HIS B 22 -2.94 -3.99 0.94
CA HIS B 22 -4.22 -3.71 0.29
C HIS B 22 -5.17 -2.95 1.16
N TRP B 23 -5.29 -3.38 2.41
CA TRP B 23 -6.20 -2.74 3.33
C TRP B 23 -5.65 -1.43 3.85
N ARG B 24 -4.35 -1.21 3.67
CA ARG B 24 -3.71 0.03 4.13
C ARG B 24 -3.99 1.25 3.24
N GLU B 25 -4.12 1.02 1.94
CA GLU B 25 -4.35 2.13 1.03
C GLU B 25 -5.67 2.85 1.19
N PHE B 26 -6.59 2.29 1.96
CA PHE B 26 -7.88 2.94 2.13
C PHE B 26 -7.95 3.89 3.30
N ASP B 27 -8.97 4.75 3.29
CA ASP B 27 -9.16 5.69 4.37
C ASP B 27 -9.98 5.00 5.45
N GLN B 28 -9.97 5.54 6.66
CA GLN B 28 -10.74 4.96 7.74
C GLN B 28 -12.21 5.35 7.61
N VAL B 29 -13.10 4.38 7.71
CA VAL B 29 -14.53 4.62 7.60
C VAL B 29 -14.99 5.40 8.83
N PRO B 30 -16.18 6.02 8.75
CA PRO B 30 -16.78 6.82 9.84
C PRO B 30 -17.16 5.98 11.06
N ASP B 31 -16.94 6.54 12.25
CA ASP B 31 -17.27 5.84 13.49
C ASP B 31 -18.62 5.13 13.42
N ALA B 32 -19.60 5.80 12.84
CA ALA B 32 -20.94 5.24 12.73
C ALA B 32 -20.92 3.87 12.07
N VAL B 33 -20.10 3.72 11.05
CA VAL B 33 -20.02 2.43 10.34
C VAL B 33 -19.54 1.38 11.35
N TYR B 34 -18.40 1.66 11.99
CA TYR B 34 -17.83 0.78 12.99
C TYR B 34 -18.88 0.42 14.03
N TYR B 35 -19.43 1.44 14.67
CA TYR B 35 -20.45 1.27 15.71
C TYR B 35 -21.62 0.44 15.21
N SER B 36 -22.02 0.68 13.96
CA SER B 36 -23.14 -0.07 13.39
C SER B 36 -22.73 -1.53 13.24
N LEU B 37 -21.48 -1.73 12.82
CA LEU B 37 -20.95 -3.08 12.65
C LEU B 37 -20.93 -3.82 13.98
N GLY B 38 -20.43 -3.14 15.01
CA GLY B 38 -20.36 -3.74 16.33
C GLY B 38 -21.68 -4.25 16.90
N ILE B 39 -22.71 -3.42 16.84
CA ILE B 39 -23.99 -3.81 17.38
C ILE B 39 -24.67 -4.80 16.45
N PHE B 40 -24.46 -4.65 15.14
CA PHE B 40 -25.06 -5.58 14.19
C PHE B 40 -24.59 -7.00 14.53
N ILE B 41 -23.27 -7.17 14.60
CA ILE B 41 -22.70 -8.47 14.91
C ILE B 41 -23.01 -8.84 16.36
N GLY B 42 -23.16 -7.84 17.23
CA GLY B 42 -23.48 -8.12 18.61
C GLY B 42 -24.85 -8.78 18.71
N ILE B 43 -25.80 -8.23 17.96
CA ILE B 43 -27.16 -8.75 17.94
C ILE B 43 -27.19 -10.14 17.34
N CYS B 44 -26.27 -10.41 16.43
CA CYS B 44 -26.16 -11.73 15.81
C CYS B 44 -25.76 -12.74 16.88
N GLY B 45 -24.86 -12.32 17.77
CA GLY B 45 -24.43 -13.19 18.82
C GLY B 45 -25.61 -13.49 19.72
N ILE B 46 -26.37 -12.46 20.05
CA ILE B 46 -27.52 -12.63 20.91
C ILE B 46 -28.53 -13.58 20.29
N ILE B 47 -29.00 -13.22 19.11
CA ILE B 47 -29.98 -14.03 18.39
C ILE B 47 -29.43 -15.41 18.04
N GLY B 48 -28.15 -15.44 17.68
CA GLY B 48 -27.53 -16.71 17.33
C GLY B 48 -27.40 -17.66 18.51
N CYS B 49 -26.76 -17.21 19.57
CA CYS B 49 -26.58 -18.05 20.75
C CYS B 49 -27.90 -18.43 21.39
N GLY B 50 -28.82 -17.47 21.45
CA GLY B 50 -30.12 -17.73 22.04
C GLY B 50 -30.92 -18.71 21.21
N GLY B 51 -31.10 -18.41 19.93
CA GLY B 51 -31.86 -19.27 19.06
C GLY B 51 -31.31 -20.68 18.94
N ASN B 52 -30.01 -20.79 18.68
CA ASN B 52 -29.39 -22.09 18.54
C ASN B 52 -29.32 -22.80 19.89
N GLY B 53 -29.38 -22.02 20.96
CA GLY B 53 -29.36 -22.58 22.30
C GLY B 53 -30.68 -23.29 22.54
N ILE B 54 -31.76 -22.63 22.16
CA ILE B 54 -33.10 -23.20 22.33
C ILE B 54 -33.21 -24.52 21.58
N VAL B 55 -32.79 -24.51 20.31
CA VAL B 55 -32.86 -25.72 19.49
C VAL B 55 -32.02 -26.87 20.05
N ILE B 56 -30.83 -26.58 20.58
CA ILE B 56 -30.02 -27.66 21.15
C ILE B 56 -30.77 -28.21 22.36
N TYR B 57 -31.17 -27.29 23.24
CA TYR B 57 -31.90 -27.62 24.46
C TYR B 57 -33.17 -28.42 24.20
N LEU B 58 -34.09 -27.85 23.43
CA LEU B 58 -35.35 -28.52 23.14
C LEU B 58 -35.23 -29.85 22.38
N PHE B 59 -34.31 -29.93 21.42
CA PHE B 59 -34.15 -31.18 20.67
C PHE B 59 -33.51 -32.29 21.47
N THR B 60 -32.63 -31.95 22.41
CA THR B 60 -32.00 -33.01 23.19
C THR B 60 -32.86 -33.45 24.36
N LYS B 61 -33.85 -32.64 24.72
CA LYS B 61 -34.71 -32.98 25.86
C LYS B 61 -36.10 -33.45 25.47
N THR B 62 -36.72 -32.79 24.51
CA THR B 62 -38.05 -33.17 24.07
C THR B 62 -38.06 -34.60 23.55
N LYS B 63 -38.57 -35.52 24.38
CA LYS B 63 -38.65 -36.92 24.03
C LYS B 63 -39.22 -37.19 22.65
N SER B 64 -40.05 -36.30 22.14
CA SER B 64 -40.65 -36.51 20.83
C SER B 64 -39.68 -36.24 19.69
N LEU B 65 -38.66 -35.43 19.99
CA LEU B 65 -37.65 -35.05 19.01
C LEU B 65 -36.38 -35.89 19.08
N GLN B 66 -36.46 -37.08 19.68
CA GLN B 66 -35.28 -37.93 19.83
C GLN B 66 -34.91 -38.87 18.66
N THR B 67 -35.46 -38.63 17.48
CA THR B 67 -35.14 -39.46 16.32
C THR B 67 -33.70 -39.18 15.86
N PRO B 68 -33.01 -40.20 15.33
CA PRO B 68 -31.62 -40.06 14.88
C PRO B 68 -31.30 -38.86 13.98
N ALA B 69 -31.94 -38.78 12.81
CA ALA B 69 -31.69 -37.69 11.87
C ALA B 69 -31.61 -36.35 12.59
N ASN B 70 -32.40 -36.19 13.63
CA ASN B 70 -32.40 -34.95 14.38
C ASN B 70 -31.04 -34.61 15.00
N MET B 71 -30.18 -35.61 15.17
CA MET B 71 -28.85 -35.35 15.72
C MET B 71 -28.14 -34.37 14.79
N PHE B 72 -28.49 -34.39 13.51
CA PHE B 72 -27.89 -33.50 12.53
C PHE B 72 -28.30 -32.07 12.83
N ILE B 73 -29.54 -31.89 13.24
CA ILE B 73 -30.04 -30.57 13.57
C ILE B 73 -29.28 -30.04 14.77
N ILE B 74 -29.14 -30.90 15.77
CA ILE B 74 -28.42 -30.51 16.96
C ILE B 74 -26.99 -30.11 16.61
N ASN B 75 -26.32 -30.92 15.80
CA ASN B 75 -24.95 -30.59 15.41
C ASN B 75 -24.91 -29.29 14.64
N LEU B 76 -25.93 -29.05 13.83
CA LEU B 76 -25.99 -27.84 13.03
C LEU B 76 -26.14 -26.67 13.99
N ALA B 77 -27.02 -26.83 14.98
CA ALA B 77 -27.26 -25.78 15.97
C ALA B 77 -25.99 -25.49 16.79
N PHE B 78 -25.35 -26.54 17.27
CA PHE B 78 -24.13 -26.37 18.04
C PHE B 78 -23.11 -25.59 17.23
N SER B 79 -22.99 -25.96 15.95
CA SER B 79 -22.05 -25.30 15.04
C SER B 79 -22.42 -23.81 14.89
N ASP B 80 -23.67 -23.55 14.53
CA ASP B 80 -24.13 -22.18 14.35
C ASP B 80 -24.03 -21.41 15.65
N PHE B 81 -24.18 -22.11 16.75
CA PHE B 81 -24.10 -21.50 18.07
C PHE B 81 -22.71 -20.93 18.28
N THR B 82 -21.71 -21.79 18.15
CA THR B 82 -20.31 -21.42 18.33
C THR B 82 -19.87 -20.32 17.40
N PHE B 83 -20.31 -20.38 16.15
CA PHE B 83 -19.95 -19.36 15.16
C PHE B 83 -20.44 -17.99 15.62
N SER B 84 -21.69 -17.95 16.10
CA SER B 84 -22.31 -16.71 16.54
C SER B 84 -21.66 -16.22 17.83
N LEU B 85 -21.17 -17.17 18.62
CA LEU B 85 -20.51 -16.85 19.88
C LEU B 85 -19.19 -16.16 19.60
N VAL B 86 -18.30 -16.90 18.96
CA VAL B 86 -16.96 -16.44 18.65
C VAL B 86 -16.83 -15.32 17.63
N ASN B 87 -17.73 -15.24 16.65
CA ASN B 87 -17.64 -14.22 15.62
C ASN B 87 -18.31 -12.89 15.93
N GLY B 88 -19.06 -12.84 17.04
CA GLY B 88 -19.76 -11.63 17.40
C GLY B 88 -19.14 -10.92 18.59
N PHE B 89 -19.77 -11.10 19.75
CA PHE B 89 -19.28 -10.51 20.99
C PHE B 89 -18.48 -11.54 21.77
N PRO B 90 -17.37 -11.14 22.36
CA PRO B 90 -16.80 -9.79 22.42
C PRO B 90 -15.77 -9.45 21.32
N LEU B 91 -15.13 -10.49 20.78
CA LEU B 91 -14.08 -10.30 19.79
C LEU B 91 -14.29 -9.25 18.71
N MET B 92 -15.36 -9.36 17.94
CA MET B 92 -15.58 -8.36 16.89
C MET B 92 -16.27 -7.09 17.41
N THR B 93 -17.31 -7.27 18.21
CA THR B 93 -18.03 -6.11 18.74
C THR B 93 -17.14 -5.10 19.43
N ILE B 94 -16.37 -5.55 20.41
CA ILE B 94 -15.48 -4.65 21.14
C ILE B 94 -14.40 -4.03 20.26
N SER B 95 -14.00 -4.75 19.22
CA SER B 95 -12.98 -4.23 18.31
C SER B 95 -13.59 -3.10 17.48
N CYS B 96 -14.85 -3.27 17.08
CA CYS B 96 -15.53 -2.25 16.31
C CYS B 96 -15.65 -0.96 17.13
N PHE B 97 -16.19 -1.07 18.33
CA PHE B 97 -16.35 0.09 19.19
C PHE B 97 -15.02 0.77 19.49
N LEU B 98 -13.92 0.06 19.26
CA LEU B 98 -12.59 0.62 19.49
C LEU B 98 -11.86 0.87 18.16
N LYS B 99 -12.55 0.58 17.06
CA LYS B 99 -11.97 0.77 15.74
C LYS B 99 -10.61 0.11 15.68
N LYS B 100 -10.45 -1.00 16.41
CA LYS B 100 -9.16 -1.68 16.43
C LYS B 100 -9.27 -3.07 17.04
N TRP B 101 -8.65 -4.05 16.39
CA TRP B 101 -8.64 -5.40 16.92
C TRP B 101 -7.57 -5.40 18.00
N ILE B 102 -8.00 -5.47 19.26
CA ILE B 102 -7.04 -5.45 20.37
C ILE B 102 -6.80 -6.78 21.08
N PHE B 103 -7.28 -7.89 20.51
CA PHE B 103 -7.12 -9.20 21.13
C PHE B 103 -5.92 -10.03 20.68
N GLY B 104 -5.02 -9.43 19.90
CA GLY B 104 -3.82 -10.12 19.45
C GLY B 104 -3.92 -11.12 18.30
N PHE B 105 -2.76 -11.48 17.78
CA PHE B 105 -2.62 -12.42 16.67
C PHE B 105 -3.27 -13.80 16.89
N ALA B 106 -2.99 -14.43 18.04
CA ALA B 106 -3.57 -15.75 18.34
C ALA B 106 -5.09 -15.69 18.33
N ALA B 107 -5.65 -14.65 18.94
CA ALA B 107 -7.10 -14.53 18.99
C ALA B 107 -7.65 -14.51 17.58
N CYS B 108 -7.01 -13.73 16.72
CA CYS B 108 -7.38 -13.56 15.31
C CYS B 108 -7.39 -14.89 14.57
N LYS B 109 -6.34 -15.66 14.80
CA LYS B 109 -6.25 -16.97 14.17
C LYS B 109 -7.39 -17.86 14.63
N VAL B 110 -7.61 -17.92 15.94
CA VAL B 110 -8.68 -18.75 16.49
C VAL B 110 -10.03 -18.32 15.92
N TYR B 111 -10.27 -17.01 15.95
CA TYR B 111 -11.51 -16.43 15.42
C TYR B 111 -11.72 -16.91 13.97
N GLY B 112 -10.73 -16.63 13.13
CA GLY B 112 -10.78 -17.04 11.74
C GLY B 112 -10.93 -18.53 11.58
N PHE B 113 -10.18 -19.27 12.40
CA PHE B 113 -10.23 -20.73 12.33
C PHE B 113 -11.58 -21.26 12.76
N ILE B 114 -12.11 -20.71 13.84
CA ILE B 114 -13.39 -21.16 14.32
C ILE B 114 -14.45 -20.84 13.28
N GLY B 115 -14.49 -19.59 12.82
CA GLY B 115 -15.48 -19.23 11.80
C GLY B 115 -15.42 -20.17 10.60
N GLY B 116 -14.21 -20.55 10.22
CA GLY B 116 -14.04 -21.43 9.10
C GLY B 116 -14.51 -22.87 9.32
N ILE B 117 -14.11 -23.48 10.43
CA ILE B 117 -14.52 -24.86 10.65
C ILE B 117 -16.03 -24.98 10.80
N PHE B 118 -16.66 -23.99 11.41
CA PHE B 118 -18.11 -24.08 11.60
C PHE B 118 -18.92 -23.61 10.41
N GLY B 119 -18.29 -22.86 9.51
CA GLY B 119 -18.98 -22.47 8.29
C GLY B 119 -19.07 -23.75 7.48
N PHE B 120 -17.94 -24.47 7.39
CA PHE B 120 -17.88 -25.72 6.65
C PHE B 120 -18.76 -26.75 7.33
N MET B 121 -18.82 -26.70 8.65
CA MET B 121 -19.61 -27.66 9.41
C MET B 121 -21.10 -27.59 9.12
N SER B 122 -21.59 -26.38 8.86
CA SER B 122 -23.00 -26.21 8.59
C SER B 122 -23.44 -26.78 7.25
N ILE B 123 -22.70 -26.51 6.18
CA ILE B 123 -23.11 -27.04 4.88
C ILE B 123 -22.94 -28.56 4.86
N MET B 124 -21.81 -29.04 5.37
CA MET B 124 -21.54 -30.47 5.39
C MET B 124 -22.58 -31.21 6.24
N THR B 125 -23.10 -30.55 7.27
CA THR B 125 -24.13 -31.19 8.09
C THR B 125 -25.41 -31.14 7.28
N MET B 126 -25.56 -30.10 6.46
CA MET B 126 -26.73 -29.98 5.60
C MET B 126 -26.64 -31.07 4.53
N ALA B 127 -25.43 -31.37 4.07
CA ALA B 127 -25.26 -32.41 3.08
C ALA B 127 -25.67 -33.73 3.71
N MET B 128 -25.31 -33.93 4.97
CA MET B 128 -25.67 -35.17 5.66
C MET B 128 -27.20 -35.29 5.77
N ILE B 129 -27.85 -34.17 6.03
CA ILE B 129 -29.29 -34.14 6.14
C ILE B 129 -29.89 -34.52 4.80
N SER B 130 -29.43 -33.85 3.74
CA SER B 130 -29.94 -34.13 2.40
C SER B 130 -29.81 -35.63 2.09
N ILE B 131 -28.71 -36.22 2.54
CA ILE B 131 -28.48 -37.64 2.32
C ILE B 131 -29.61 -38.45 2.94
N ASP B 132 -30.06 -38.00 4.12
CA ASP B 132 -31.15 -38.66 4.82
C ASP B 132 -32.46 -38.39 4.08
N ARG B 133 -32.72 -37.11 3.83
CA ARG B 133 -33.91 -36.67 3.14
C ARG B 133 -34.08 -37.43 1.83
N TYR B 134 -32.96 -37.78 1.21
CA TYR B 134 -32.98 -38.52 -0.04
C TYR B 134 -33.27 -40.00 0.16
N ASN B 135 -32.98 -40.52 1.34
CA ASN B 135 -33.23 -41.93 1.63
C ASN B 135 -34.66 -42.21 2.11
N VAL B 136 -35.40 -41.16 2.43
CA VAL B 136 -36.75 -41.34 2.91
C VAL B 136 -37.75 -40.85 1.86
N ILE B 137 -37.30 -39.94 1.01
CA ILE B 137 -38.14 -39.39 -0.05
C ILE B 137 -37.55 -39.78 -1.39
N GLY B 138 -36.38 -39.25 -1.71
CA GLY B 138 -35.72 -39.52 -2.97
C GLY B 138 -35.83 -40.94 -3.52
N ARG B 139 -35.79 -41.94 -2.64
CA ARG B 139 -35.87 -43.32 -3.08
C ARG B 139 -37.31 -43.84 -3.02
N PRO B 140 -37.59 -44.97 -3.71
CA PRO B 140 -38.91 -45.59 -3.75
C PRO B 140 -39.47 -45.99 -2.39
N MET B 141 -40.80 -46.01 -2.30
CA MET B 141 -41.52 -46.38 -1.07
C MET B 141 -40.87 -47.57 -0.39
N ALA B 142 -40.72 -48.65 -1.14
CA ALA B 142 -40.13 -49.87 -0.62
C ALA B 142 -38.65 -49.68 -0.33
N ALA B 143 -38.06 -48.67 -0.94
CA ALA B 143 -36.64 -48.39 -0.74
C ALA B 143 -36.36 -47.47 0.45
N SER B 144 -37.32 -46.61 0.75
CA SER B 144 -37.19 -45.66 1.86
C SER B 144 -36.50 -46.25 3.10
N LYS B 145 -35.55 -45.48 3.65
CA LYS B 145 -34.80 -45.91 4.81
C LYS B 145 -34.71 -44.76 5.84
N LYS B 146 -35.10 -45.05 7.08
CA LYS B 146 -35.05 -44.07 8.15
C LYS B 146 -33.63 -44.02 8.68
N MET B 147 -33.17 -42.84 9.10
CA MET B 147 -31.82 -42.71 9.63
C MET B 147 -31.67 -43.47 10.94
N SER B 148 -30.48 -44.01 11.21
CA SER B 148 -30.23 -44.73 12.45
C SER B 148 -29.16 -44.00 13.24
N HIS B 149 -29.09 -44.29 14.54
CA HIS B 149 -28.10 -43.67 15.41
C HIS B 149 -26.70 -44.07 14.92
N ARG B 150 -26.59 -45.31 14.46
CA ARG B 150 -25.30 -45.84 13.98
C ARG B 150 -24.76 -45.02 12.81
N ARG B 151 -25.56 -44.85 11.76
CA ARG B 151 -25.12 -44.07 10.60
C ARG B 151 -24.96 -42.59 10.93
N ALA B 152 -25.96 -42.03 11.62
CA ALA B 152 -25.92 -40.62 11.98
C ALA B 152 -24.61 -40.30 12.68
N PHE B 153 -24.20 -41.19 13.58
CA PHE B 153 -22.99 -41.04 14.36
C PHE B 153 -21.75 -41.03 13.47
N ILE B 154 -21.67 -41.99 12.54
CA ILE B 154 -20.54 -42.07 11.61
C ILE B 154 -20.49 -40.76 10.82
N MET B 155 -21.65 -40.33 10.36
CA MET B 155 -21.76 -39.10 9.60
C MET B 155 -21.28 -37.84 10.35
N ILE B 156 -21.69 -37.64 11.60
CA ILE B 156 -21.24 -36.43 12.31
C ILE B 156 -19.72 -36.43 12.55
N ILE B 157 -19.17 -37.60 12.84
CA ILE B 157 -17.72 -37.71 13.05
C ILE B 157 -17.05 -37.29 11.74
N PHE B 158 -17.65 -37.72 10.62
CA PHE B 158 -17.10 -37.35 9.32
C PHE B 158 -17.10 -35.83 9.20
N VAL B 159 -18.24 -35.22 9.50
CA VAL B 159 -18.36 -33.77 9.44
C VAL B 159 -17.28 -33.07 10.27
N TRP B 160 -17.04 -33.58 11.47
CA TRP B 160 -16.04 -32.97 12.34
C TRP B 160 -14.63 -33.05 11.79
N LEU B 161 -14.25 -34.24 11.33
CA LEU B 161 -12.92 -34.45 10.79
C LEU B 161 -12.76 -33.59 9.54
N TRP B 162 -13.79 -33.59 8.70
CA TRP B 162 -13.75 -32.81 7.48
C TRP B 162 -13.61 -31.33 7.77
N SER B 163 -14.59 -30.76 8.46
CA SER B 163 -14.58 -29.33 8.78
C SER B 163 -13.27 -28.82 9.39
N VAL B 164 -12.72 -29.55 10.35
CA VAL B 164 -11.47 -29.11 10.98
C VAL B 164 -10.31 -29.22 10.00
N LEU B 165 -10.30 -30.32 9.23
CA LEU B 165 -9.23 -30.53 8.26
C LEU B 165 -9.11 -29.40 7.25
N TRP B 166 -10.24 -28.96 6.70
CA TRP B 166 -10.20 -27.89 5.72
C TRP B 166 -10.17 -26.47 6.25
N ALA B 167 -10.00 -26.33 7.56
CA ALA B 167 -9.91 -25.01 8.17
C ALA B 167 -8.57 -24.90 8.89
N ILE B 168 -8.02 -26.05 9.24
CA ILE B 168 -6.75 -26.12 9.96
C ILE B 168 -5.55 -25.58 9.17
N GLY B 169 -5.57 -25.76 7.84
CA GLY B 169 -4.48 -25.31 7.00
C GLY B 169 -3.76 -24.03 7.35
N PRO B 170 -4.46 -22.90 7.46
CA PRO B 170 -3.74 -21.67 7.81
C PRO B 170 -3.04 -21.66 9.18
N ILE B 171 -3.51 -22.48 10.13
CA ILE B 171 -2.85 -22.48 11.43
C ILE B 171 -1.41 -22.98 11.30
N PHE B 172 -1.15 -23.79 10.27
CA PHE B 172 0.19 -24.35 10.06
C PHE B 172 1.03 -23.62 9.04
N GLY B 173 0.46 -22.63 8.37
CA GLY B 173 1.23 -21.90 7.39
C GLY B 173 0.75 -22.07 5.96
N TRP B 174 -0.20 -22.98 5.77
CA TRP B 174 -0.75 -23.22 4.43
C TRP B 174 -1.97 -22.31 4.33
N GLY B 175 -1.72 -21.06 3.97
CA GLY B 175 -2.78 -20.08 3.86
C GLY B 175 -2.68 -19.26 5.14
N ALA B 176 -3.57 -18.30 5.34
CA ALA B 176 -3.46 -17.52 6.56
C ALA B 176 -4.77 -16.93 7.07
N TYR B 177 -4.82 -16.74 8.38
CA TYR B 177 -5.98 -16.14 9.00
C TYR B 177 -5.50 -14.79 9.46
N THR B 178 -6.07 -13.74 8.90
CA THR B 178 -5.63 -12.40 9.26
C THR B 178 -6.80 -11.40 9.20
N LEU B 179 -6.51 -10.13 9.42
CA LEU B 179 -7.55 -9.11 9.37
C LEU B 179 -7.99 -8.76 7.94
N GLU B 180 -9.22 -8.27 7.83
CA GLU B 180 -9.82 -7.86 6.57
C GLU B 180 -10.70 -6.62 6.77
N GLY B 181 -11.11 -6.01 5.65
CA GLY B 181 -11.97 -4.83 5.69
C GLY B 181 -11.57 -3.72 6.61
N VAL B 182 -12.51 -3.28 7.46
CA VAL B 182 -12.25 -2.22 8.42
C VAL B 182 -11.34 -2.69 9.56
N LEU B 183 -10.77 -3.88 9.38
CA LEU B 183 -9.81 -4.50 10.30
C LEU B 183 -10.27 -4.78 11.74
N CYS B 184 -11.52 -5.17 11.89
CA CYS B 184 -12.08 -5.47 13.20
C CYS B 184 -12.53 -6.94 13.36
N ASN B 185 -12.19 -7.75 12.36
CA ASN B 185 -12.50 -9.17 12.41
C ASN B 185 -11.45 -9.86 11.55
N CYS B 186 -11.35 -11.17 11.70
CA CYS B 186 -10.39 -11.95 10.97
C CYS B 186 -11.05 -12.94 10.04
N SER B 187 -10.28 -13.45 9.10
CA SER B 187 -10.75 -14.41 8.13
C SER B 187 -9.51 -14.96 7.44
N PHE B 188 -9.71 -15.79 6.43
CA PHE B 188 -8.56 -16.32 5.71
C PHE B 188 -8.08 -15.28 4.73
N ASP B 189 -6.80 -15.36 4.39
CA ASP B 189 -6.19 -14.44 3.46
C ASP B 189 -6.48 -14.84 2.03
N TYR B 190 -7.35 -14.07 1.38
CA TYR B 190 -7.74 -14.30 0.00
C TYR B 190 -7.13 -13.25 -0.92
N ILE B 191 -6.16 -12.50 -0.42
CA ILE B 191 -5.53 -11.44 -1.19
C ILE B 191 -4.14 -11.83 -1.72
N SER B 192 -3.39 -12.59 -0.92
CA SER B 192 -2.07 -13.05 -1.36
C SER B 192 -2.27 -14.08 -2.47
N ARG B 193 -1.59 -13.88 -3.59
CA ARG B 193 -1.72 -14.76 -4.74
C ARG B 193 -0.59 -15.77 -4.94
N ASP B 194 0.20 -16.00 -3.91
CA ASP B 194 1.29 -16.97 -3.98
C ASP B 194 0.70 -18.39 -4.02
N SER B 195 1.54 -19.34 -4.41
CA SER B 195 1.15 -20.74 -4.50
C SER B 195 0.46 -21.27 -3.24
N THR B 196 1.11 -21.08 -2.09
CA THR B 196 0.60 -21.55 -0.81
C THR B 196 -0.78 -21.02 -0.43
N THR B 197 -0.95 -19.70 -0.49
CA THR B 197 -2.23 -19.10 -0.16
C THR B 197 -3.31 -19.58 -1.12
N ARG B 198 -2.99 -19.51 -2.41
CA ARG B 198 -3.92 -19.92 -3.47
C ARG B 198 -4.31 -21.39 -3.41
N SER B 199 -3.33 -22.27 -3.28
CA SER B 199 -3.62 -23.69 -3.21
C SER B 199 -4.58 -23.99 -2.06
N ASN B 200 -4.40 -23.31 -0.94
CA ASN B 200 -5.28 -23.55 0.20
C ASN B 200 -6.66 -22.93 -0.05
N ILE B 201 -6.68 -21.74 -0.64
CA ILE B 201 -7.95 -21.07 -0.94
C ILE B 201 -8.82 -22.02 -1.77
N LEU B 202 -8.25 -22.48 -2.89
CA LEU B 202 -8.95 -23.39 -3.79
C LEU B 202 -9.49 -24.65 -3.10
N CYS B 203 -8.68 -25.25 -2.23
CA CYS B 203 -9.11 -26.45 -1.50
C CYS B 203 -10.29 -26.09 -0.58
N MET B 204 -10.20 -24.93 0.07
CA MET B 204 -11.27 -24.49 0.96
C MET B 204 -12.58 -24.48 0.17
N PHE B 205 -12.54 -23.82 -0.98
CA PHE B 205 -13.69 -23.72 -1.88
C PHE B 205 -14.18 -25.06 -2.40
N ILE B 206 -13.26 -25.89 -2.87
CA ILE B 206 -13.60 -27.19 -3.43
C ILE B 206 -14.03 -28.26 -2.44
N LEU B 207 -13.24 -28.50 -1.40
CA LEU B 207 -13.62 -29.52 -0.43
C LEU B 207 -14.61 -29.01 0.62
N GLY B 208 -14.46 -27.76 1.03
CA GLY B 208 -15.34 -27.20 2.05
C GLY B 208 -16.65 -26.63 1.58
N PHE B 209 -16.72 -26.23 0.32
CA PHE B 209 -17.95 -25.64 -0.20
C PHE B 209 -18.58 -26.48 -1.33
N PHE B 210 -17.84 -26.62 -2.44
CA PHE B 210 -18.35 -27.37 -3.57
C PHE B 210 -18.69 -28.82 -3.24
N GLY B 211 -17.84 -29.46 -2.43
CA GLY B 211 -18.07 -30.83 -2.03
C GLY B 211 -19.46 -31.01 -1.45
N PRO B 212 -19.78 -30.35 -0.32
CA PRO B 212 -21.13 -30.53 0.24
C PRO B 212 -22.25 -30.12 -0.71
N ILE B 213 -22.02 -29.10 -1.52
CA ILE B 213 -23.05 -28.66 -2.47
C ILE B 213 -23.35 -29.74 -3.53
N LEU B 214 -22.32 -30.42 -4.00
CA LEU B 214 -22.49 -31.46 -4.99
C LEU B 214 -23.42 -32.54 -4.43
N ILE B 215 -23.18 -32.90 -3.17
CA ILE B 215 -23.97 -33.91 -2.46
C ILE B 215 -25.41 -33.43 -2.31
N ILE B 216 -25.55 -32.14 -2.01
CA ILE B 216 -26.84 -31.52 -1.82
C ILE B 216 -27.61 -31.48 -3.12
N PHE B 217 -26.92 -31.19 -4.22
CA PHE B 217 -27.55 -31.14 -5.53
C PHE B 217 -28.05 -32.53 -5.93
N PHE B 218 -27.16 -33.51 -5.85
CA PHE B 218 -27.52 -34.87 -6.21
C PHE B 218 -28.77 -35.30 -5.43
N CYS B 219 -28.70 -35.17 -4.11
CA CYS B 219 -29.80 -35.55 -3.22
C CYS B 219 -31.13 -34.89 -3.55
N TYR B 220 -31.17 -33.57 -3.54
CA TYR B 220 -32.43 -32.88 -3.85
C TYR B 220 -32.86 -33.08 -5.30
N PHE B 221 -31.90 -33.36 -6.17
CA PHE B 221 -32.25 -33.60 -7.55
C PHE B 221 -33.01 -34.92 -7.58
N ASN B 222 -32.36 -35.99 -7.13
CA ASN B 222 -32.99 -37.30 -7.09
C ASN B 222 -34.34 -37.21 -6.41
N ILE B 223 -34.43 -36.41 -5.37
CA ILE B 223 -35.70 -36.23 -4.67
C ILE B 223 -36.69 -35.62 -5.65
N VAL B 224 -36.55 -34.33 -5.95
CA VAL B 224 -37.45 -33.65 -6.88
C VAL B 224 -37.93 -34.59 -7.99
N MET B 225 -36.98 -35.17 -8.70
CA MET B 225 -37.28 -36.08 -9.81
C MET B 225 -37.71 -37.46 -9.31
N SER B 226 -38.73 -37.50 -8.46
CA SER B 226 -39.22 -38.78 -7.94
C SER B 226 -40.67 -38.65 -7.51
N VAL B 227 -41.08 -37.42 -7.25
CA VAL B 227 -42.44 -37.11 -6.81
C VAL B 227 -43.48 -37.74 -7.71
N SER B 228 -43.12 -37.98 -8.97
CA SER B 228 -44.04 -38.58 -9.94
C SER B 228 -44.42 -40.01 -9.53
N ASN B 229 -43.42 -40.86 -9.32
CA ASN B 229 -43.65 -42.25 -8.94
C ASN B 229 -44.21 -42.38 -7.55
N HIS B 230 -43.83 -41.46 -6.66
CA HIS B 230 -44.32 -41.51 -5.29
C HIS B 230 -45.84 -41.59 -5.27
N GLU B 231 -46.49 -40.59 -5.86
CA GLU B 231 -47.94 -40.56 -5.90
C GLU B 231 -48.50 -41.79 -6.61
N LYS B 232 -47.82 -42.24 -7.67
CA LYS B 232 -48.28 -43.41 -8.41
C LYS B 232 -48.19 -44.68 -7.56
N GLU B 233 -47.20 -44.73 -6.66
CA GLU B 233 -47.03 -45.87 -5.76
C GLU B 233 -48.08 -45.75 -4.67
N MET B 234 -48.47 -44.50 -4.39
CA MET B 234 -49.47 -44.20 -3.38
C MET B 234 -50.83 -44.67 -3.89
N ALA B 235 -51.07 -44.38 -5.17
CA ALA B 235 -52.33 -44.76 -5.82
C ALA B 235 -52.45 -46.28 -5.86
N ALA B 236 -51.36 -46.95 -6.21
CA ALA B 236 -51.35 -48.41 -6.28
C ALA B 236 -51.55 -49.01 -4.89
N MET B 237 -51.82 -48.15 -3.92
CA MET B 237 -52.04 -48.60 -2.55
C MET B 237 -53.29 -47.96 -1.97
N ALA B 238 -53.70 -46.84 -2.53
CA ALA B 238 -54.90 -46.15 -2.08
C ALA B 238 -56.09 -47.06 -2.38
N LYS B 239 -55.86 -48.04 -3.26
CA LYS B 239 -56.88 -49.00 -3.67
C LYS B 239 -56.79 -50.30 -2.90
N ARG B 240 -55.62 -50.92 -2.94
CA ARG B 240 -55.42 -52.21 -2.28
C ARG B 240 -54.75 -52.12 -0.91
N LEU B 241 -55.09 -53.11 -0.08
CA LEU B 241 -54.56 -53.22 1.28
C LEU B 241 -54.42 -51.89 2.03
N ASN B 242 -55.30 -50.94 1.74
CA ASN B 242 -55.27 -49.66 2.44
C ASN B 242 -56.68 -49.15 2.69
N ALA B 243 -56.95 -48.94 3.97
CA ALA B 243 -58.28 -48.47 4.40
C ALA B 243 -58.25 -47.09 5.07
N LYS B 244 -57.66 -47.03 6.26
CA LYS B 244 -57.56 -45.78 7.00
C LYS B 244 -56.09 -45.57 7.20
N GLU B 245 -55.37 -46.69 7.03
CA GLU B 245 -53.94 -46.74 7.13
C GLU B 245 -53.42 -45.92 5.97
N LEU B 246 -54.33 -45.49 5.09
CA LEU B 246 -53.97 -44.67 3.95
C LEU B 246 -53.72 -43.27 4.51
N ARG B 247 -54.53 -42.90 5.49
CA ARG B 247 -54.41 -41.60 6.13
C ARG B 247 -53.04 -41.51 6.80
N LYS B 248 -52.60 -42.62 7.38
CA LYS B 248 -51.29 -42.67 8.05
C LYS B 248 -50.15 -42.65 7.05
N ALA B 249 -50.17 -43.58 6.09
CA ALA B 249 -49.11 -43.65 5.09
C ALA B 249 -49.00 -42.33 4.32
N GLN B 250 -50.12 -41.63 4.19
CA GLN B 250 -50.14 -40.35 3.49
C GLN B 250 -49.81 -39.24 4.49
N ALA B 251 -49.93 -39.56 5.77
CA ALA B 251 -49.64 -38.61 6.84
C ALA B 251 -48.13 -38.57 7.03
N GLY B 252 -47.52 -39.75 7.03
CA GLY B 252 -46.08 -39.84 7.19
C GLY B 252 -45.36 -39.34 5.95
N ALA B 253 -46.06 -39.32 4.82
CA ALA B 253 -45.48 -38.87 3.56
C ALA B 253 -45.43 -37.35 3.49
N ASN B 254 -46.55 -36.72 3.83
CA ASN B 254 -46.60 -35.27 3.79
C ASN B 254 -45.62 -34.71 4.82
N ALA B 255 -45.55 -35.35 5.98
CA ALA B 255 -44.67 -34.91 7.06
C ALA B 255 -43.20 -34.89 6.65
N GLU B 256 -42.70 -36.03 6.17
CA GLU B 256 -41.31 -36.13 5.75
C GLU B 256 -41.00 -35.07 4.70
N MET B 257 -41.89 -34.94 3.72
CA MET B 257 -41.74 -33.98 2.65
C MET B 257 -41.59 -32.55 3.17
N ARG B 258 -42.20 -32.29 4.34
CA ARG B 258 -42.14 -30.97 4.94
C ARG B 258 -40.73 -30.67 5.48
N LEU B 259 -40.15 -31.65 6.17
CA LEU B 259 -38.81 -31.51 6.73
C LEU B 259 -37.88 -31.21 5.57
N ALA B 260 -38.04 -31.98 4.49
CA ALA B 260 -37.23 -31.82 3.30
C ALA B 260 -37.29 -30.38 2.78
N LYS B 261 -38.48 -29.81 2.67
CA LYS B 261 -38.60 -28.44 2.18
C LYS B 261 -37.85 -27.50 3.13
N ILE B 262 -38.02 -27.73 4.43
CA ILE B 262 -37.35 -26.91 5.43
C ILE B 262 -35.85 -26.99 5.17
N SER B 263 -35.36 -28.21 4.96
CA SER B 263 -33.95 -28.43 4.67
C SER B 263 -33.52 -27.55 3.50
N ILE B 264 -34.34 -27.56 2.44
CA ILE B 264 -34.03 -26.78 1.26
C ILE B 264 -33.93 -25.29 1.60
N VAL B 265 -34.80 -24.84 2.48
CA VAL B 265 -34.81 -23.43 2.85
C VAL B 265 -33.59 -23.00 3.64
N ILE B 266 -33.09 -23.85 4.53
CA ILE B 266 -31.89 -23.47 5.29
C ILE B 266 -30.68 -23.51 4.36
N VAL B 267 -30.68 -24.44 3.41
CA VAL B 267 -29.60 -24.56 2.43
C VAL B 267 -29.54 -23.28 1.60
N SER B 268 -30.71 -22.81 1.19
CA SER B 268 -30.81 -21.59 0.39
C SER B 268 -30.32 -20.40 1.19
N GLN B 269 -30.65 -20.42 2.48
CA GLN B 269 -30.27 -19.37 3.41
C GLN B 269 -28.75 -19.31 3.52
N PHE B 270 -28.13 -20.48 3.66
CA PHE B 270 -26.69 -20.54 3.77
C PHE B 270 -26.03 -20.07 2.47
N LEU B 271 -26.38 -20.72 1.37
CA LEU B 271 -25.84 -20.38 0.04
C LEU B 271 -26.00 -18.90 -0.30
N LEU B 272 -27.14 -18.32 0.05
CA LEU B 272 -27.40 -16.91 -0.24
C LEU B 272 -26.62 -15.98 0.65
N SER B 273 -26.30 -16.44 1.85
CA SER B 273 -25.56 -15.60 2.78
C SER B 273 -24.05 -15.66 2.54
N TRP B 274 -23.55 -16.82 2.17
CA TRP B 274 -22.12 -16.98 1.93
C TRP B 274 -21.60 -16.70 0.52
N SER B 275 -22.42 -16.94 -0.50
CA SER B 275 -22.02 -16.72 -1.88
C SER B 275 -21.50 -15.32 -2.21
N PRO B 276 -22.23 -14.27 -1.80
CA PRO B 276 -21.72 -12.94 -2.15
C PRO B 276 -20.28 -12.75 -1.66
N TYR B 277 -20.04 -13.10 -0.40
CA TYR B 277 -18.73 -12.96 0.18
C TYR B 277 -17.72 -13.92 -0.46
N ALA B 278 -18.18 -15.12 -0.76
CA ALA B 278 -17.30 -16.11 -1.38
C ALA B 278 -16.81 -15.56 -2.71
N VAL B 279 -17.69 -14.85 -3.40
CA VAL B 279 -17.39 -14.28 -4.70
C VAL B 279 -16.46 -13.08 -4.56
N VAL B 280 -16.72 -12.24 -3.57
CA VAL B 280 -15.87 -11.08 -3.33
C VAL B 280 -14.46 -11.60 -3.08
N ALA B 281 -14.37 -12.76 -2.43
CA ALA B 281 -13.09 -13.37 -2.11
C ALA B 281 -12.39 -13.88 -3.37
N LEU B 282 -13.14 -14.53 -4.25
CA LEU B 282 -12.56 -15.04 -5.50
C LEU B 282 -12.11 -13.89 -6.38
N LEU B 283 -12.84 -12.77 -6.33
CA LEU B 283 -12.49 -11.60 -7.11
C LEU B 283 -11.16 -11.05 -6.60
N ALA B 284 -10.98 -11.10 -5.29
CA ALA B 284 -9.77 -10.59 -4.69
C ALA B 284 -8.59 -11.48 -5.05
N GLN B 285 -8.84 -12.77 -5.20
CA GLN B 285 -7.77 -13.70 -5.54
C GLN B 285 -7.46 -13.73 -7.02
N PHE B 286 -8.50 -13.66 -7.86
CA PHE B 286 -8.29 -13.74 -9.29
C PHE B 286 -8.69 -12.55 -10.16
N GLY B 287 -9.60 -11.71 -9.66
CA GLY B 287 -10.05 -10.56 -10.43
C GLY B 287 -9.37 -9.22 -10.12
N PRO B 288 -10.06 -8.11 -10.38
CA PRO B 288 -9.57 -6.75 -10.14
C PRO B 288 -9.59 -6.41 -8.64
N LEU B 289 -8.42 -6.47 -8.01
CA LEU B 289 -8.32 -6.20 -6.59
C LEU B 289 -8.84 -4.83 -6.17
N GLU B 290 -8.82 -3.85 -7.07
CA GLU B 290 -9.32 -2.51 -6.73
C GLU B 290 -10.82 -2.52 -6.49
N TRP B 291 -11.49 -3.60 -6.90
CA TRP B 291 -12.92 -3.73 -6.68
C TRP B 291 -13.12 -4.07 -5.21
N VAL B 292 -12.22 -4.90 -4.68
CA VAL B 292 -12.31 -5.32 -3.29
C VAL B 292 -11.97 -4.17 -2.35
N THR B 293 -13.00 -3.39 -2.01
CA THR B 293 -12.86 -2.26 -1.11
C THR B 293 -13.30 -2.67 0.30
N PRO B 294 -13.06 -1.79 1.29
CA PRO B 294 -13.46 -2.11 2.66
C PRO B 294 -14.92 -2.60 2.77
N TYR B 295 -15.84 -1.85 2.15
CA TYR B 295 -17.25 -2.22 2.17
C TYR B 295 -17.57 -3.39 1.24
N ALA B 296 -16.84 -3.49 0.14
CA ALA B 296 -17.07 -4.57 -0.82
C ALA B 296 -16.84 -5.92 -0.15
N ALA B 297 -16.00 -5.93 0.88
CA ALA B 297 -15.69 -7.15 1.62
C ALA B 297 -16.48 -7.20 2.92
N GLN B 298 -16.44 -6.09 3.65
CA GLN B 298 -17.10 -5.97 4.93
C GLN B 298 -18.59 -6.24 4.97
N LEU B 299 -19.36 -5.56 4.13
CA LEU B 299 -20.80 -5.77 4.14
C LEU B 299 -21.18 -7.22 3.85
N PRO B 300 -20.64 -7.81 2.77
CA PRO B 300 -20.92 -9.20 2.40
C PRO B 300 -20.49 -10.21 3.46
N VAL B 301 -19.50 -9.84 4.26
CA VAL B 301 -19.03 -10.75 5.31
C VAL B 301 -19.90 -10.68 6.56
N MET B 302 -20.59 -9.56 6.75
CA MET B 302 -21.47 -9.41 7.91
C MET B 302 -22.71 -10.27 7.67
N PHE B 303 -23.05 -10.44 6.40
CA PHE B 303 -24.19 -11.23 6.01
C PHE B 303 -23.83 -12.71 6.08
N ALA B 304 -22.59 -13.04 5.75
CA ALA B 304 -22.15 -14.44 5.82
C ALA B 304 -22.17 -14.85 7.29
N LYS B 305 -21.77 -13.93 8.17
CA LYS B 305 -21.74 -14.17 9.60
C LYS B 305 -23.14 -14.30 10.18
N ALA B 306 -24.08 -13.49 9.68
CA ALA B 306 -25.44 -13.54 10.18
C ALA B 306 -26.12 -14.84 9.77
N SER B 307 -25.51 -15.55 8.83
CA SER B 307 -26.06 -16.80 8.35
C SER B 307 -26.32 -17.81 9.46
N ALA B 308 -25.43 -17.83 10.45
CA ALA B 308 -25.54 -18.77 11.57
C ALA B 308 -26.66 -18.52 12.57
N ILE B 309 -27.56 -17.60 12.27
CA ILE B 309 -28.65 -17.28 13.19
C ILE B 309 -30.05 -17.51 12.61
N HIS B 310 -30.11 -17.80 11.31
CA HIS B 310 -31.39 -18.00 10.61
C HIS B 310 -32.10 -19.34 10.83
N ASN B 311 -31.34 -20.42 10.96
CA ASN B 311 -31.94 -21.74 11.14
C ASN B 311 -32.98 -21.83 12.26
N PRO B 312 -32.60 -21.46 13.49
CA PRO B 312 -33.55 -21.53 14.62
C PRO B 312 -34.90 -20.88 14.30
N MET B 313 -34.87 -19.68 13.74
CA MET B 313 -36.09 -18.97 13.38
C MET B 313 -36.84 -19.70 12.28
N ILE B 314 -36.11 -20.19 11.28
CA ILE B 314 -36.73 -20.94 10.20
C ILE B 314 -37.54 -22.10 10.77
N TYR B 315 -36.98 -22.80 11.76
CA TYR B 315 -37.69 -23.91 12.39
C TYR B 315 -38.90 -23.42 13.14
N SER B 316 -38.73 -22.32 13.86
CA SER B 316 -39.80 -21.75 14.68
C SER B 316 -41.04 -21.38 13.87
N VAL B 317 -40.90 -21.24 12.56
CA VAL B 317 -42.02 -20.86 11.72
C VAL B 317 -42.41 -21.97 10.76
N SER B 318 -41.83 -23.16 10.92
CA SER B 318 -42.14 -24.26 10.01
C SER B 318 -42.07 -25.64 10.63
N HIS B 319 -41.29 -25.79 11.69
CA HIS B 319 -41.17 -27.09 12.32
C HIS B 319 -42.30 -27.29 13.32
N PRO B 320 -43.27 -28.16 12.99
CA PRO B 320 -44.40 -28.42 13.90
C PRO B 320 -44.00 -29.02 15.26
N LYS B 321 -43.41 -30.21 15.27
CA LYS B 321 -43.03 -30.83 16.53
C LYS B 321 -42.08 -29.94 17.35
N PHE B 322 -41.37 -29.03 16.66
CA PHE B 322 -40.46 -28.13 17.34
C PHE B 322 -41.29 -26.96 17.87
N ARG B 323 -42.09 -26.37 17.00
CA ARG B 323 -42.96 -25.24 17.37
C ARG B 323 -43.82 -25.63 18.56
N GLU B 324 -44.20 -26.91 18.60
CA GLU B 324 -45.02 -27.44 19.68
C GLU B 324 -44.24 -27.46 20.98
N ALA B 325 -42.97 -27.85 20.90
CA ALA B 325 -42.11 -27.92 22.07
C ALA B 325 -41.82 -26.54 22.66
N ILE B 326 -41.68 -25.54 21.82
CA ILE B 326 -41.41 -24.20 22.34
C ILE B 326 -42.62 -23.72 23.11
N SER B 327 -43.79 -23.79 22.49
CA SER B 327 -45.04 -23.36 23.11
C SER B 327 -45.17 -23.93 24.53
N GLN B 328 -44.78 -25.18 24.69
CA GLN B 328 -44.83 -25.85 25.99
C GLN B 328 -43.68 -25.48 26.92
N THR B 329 -42.75 -24.67 26.45
CA THR B 329 -41.61 -24.31 27.28
C THR B 329 -41.28 -22.81 27.26
N PHE B 330 -41.18 -22.25 26.07
CA PHE B 330 -40.88 -20.83 25.89
C PHE B 330 -41.94 -20.24 24.97
N PRO B 331 -43.23 -20.39 25.34
CA PRO B 331 -44.37 -19.90 24.56
C PRO B 331 -44.29 -18.46 24.09
N TRP B 332 -43.64 -17.60 24.86
CA TRP B 332 -43.55 -16.19 24.48
C TRP B 332 -42.83 -16.00 23.15
N VAL B 333 -41.95 -16.93 22.82
CA VAL B 333 -41.18 -16.89 21.58
C VAL B 333 -42.11 -16.99 20.37
N LEU B 334 -43.15 -17.80 20.50
CA LEU B 334 -44.10 -18.01 19.40
C LEU B 334 -45.22 -16.99 19.34
N THR B 335 -45.06 -15.88 20.06
CA THR B 335 -46.08 -14.84 20.06
C THR B 335 -46.56 -14.52 18.65
N CYS B 336 -45.65 -14.11 17.77
CA CYS B 336 -46.00 -13.76 16.40
C CYS B 336 -46.25 -14.95 15.45
N CYS B 337 -46.49 -16.12 16.02
CA CYS B 337 -46.75 -17.35 15.23
C CYS B 337 -47.91 -18.21 15.93
N GLN B 338 -47.92 -18.07 17.26
CA GLN B 338 -48.94 -18.71 18.16
C GLN B 338 -49.37 -20.10 17.65
N PHE B 339 -48.64 -21.10 18.13
CA PHE B 339 -48.83 -22.50 17.79
C PHE B 339 -50.26 -23.03 17.90
N ASP B 340 -50.61 -23.94 16.99
CA ASP B 340 -51.95 -24.56 16.95
C ASP B 340 -51.82 -26.08 16.84
N ASP B 341 -52.60 -26.80 17.65
CA ASP B 341 -52.58 -28.26 17.65
C ASP B 341 -52.80 -28.86 16.28
N LYS B 342 -53.37 -28.07 15.37
CA LYS B 342 -53.62 -28.54 14.01
C LYS B 342 -52.30 -28.86 13.31
N GLU B 343 -51.26 -28.09 13.64
CA GLU B 343 -49.94 -28.26 13.04
C GLU B 343 -49.35 -29.66 13.17
N THR B 344 -49.52 -30.26 14.34
CA THR B 344 -48.97 -31.59 14.60
C THR B 344 -49.85 -32.79 14.26
N GLU B 345 -51.03 -32.53 13.71
CA GLU B 345 -51.95 -33.61 13.35
C GLU B 345 -51.30 -34.62 12.41
N ASP B 346 -50.56 -34.12 11.42
CA ASP B 346 -49.90 -34.98 10.45
C ASP B 346 -48.86 -35.91 11.09
N ASP B 347 -48.09 -35.39 12.05
CA ASP B 347 -47.09 -36.20 12.72
C ASP B 347 -47.77 -37.24 13.62
N LYS B 348 -48.85 -36.83 14.28
CA LYS B 348 -49.60 -37.73 15.17
C LYS B 348 -50.12 -38.91 14.34
N ASP B 349 -50.85 -38.61 13.28
CA ASP B 349 -51.40 -39.64 12.41
C ASP B 349 -50.29 -40.54 11.85
N ALA B 350 -49.17 -39.93 11.52
CA ALA B 350 -48.05 -40.66 10.96
C ALA B 350 -47.42 -41.61 11.98
N GLU B 351 -47.28 -41.14 13.21
CA GLU B 351 -46.68 -41.95 14.27
C GLU B 351 -47.68 -42.85 14.99
N THR B 352 -48.90 -42.37 15.18
CA THR B 352 -49.92 -43.16 15.86
C THR B 352 -50.09 -44.52 15.18
N GLU B 353 -49.52 -45.55 15.81
CA GLU B 353 -49.59 -46.92 15.30
C GLU B 353 -51.03 -47.41 15.23
N ILE B 354 -51.38 -48.11 14.16
CA ILE B 354 -52.73 -48.63 14.02
C ILE B 354 -52.92 -49.75 15.05
N PRO B 355 -53.93 -49.61 15.92
CA PRO B 355 -54.21 -50.61 16.97
C PRO B 355 -54.59 -51.99 16.42
C1 RET C . 21.37 11.33 -6.41
C2 RET C . 22.48 11.74 -5.41
C3 RET C . 22.60 13.22 -5.12
C4 RET C . 22.73 14.03 -6.40
C5 RET C . 21.67 13.70 -7.45
C6 RET C . 21.03 12.47 -7.47
C7 RET C . 19.97 12.14 -8.52
C8 RET C . 18.75 12.68 -8.67
C9 RET C . 17.71 12.43 -9.69
C10 RET C . 16.52 13.05 -9.66
C11 RET C . 16.07 13.97 -8.67
C12 RET C . 14.91 14.69 -8.63
C13 RET C . 14.53 15.55 -7.54
C14 RET C . 13.36 16.28 -7.61
C15 RET C . 12.92 17.15 -6.56
C16 RET C . 21.88 10.06 -7.12
C17 RET C . 20.10 10.92 -5.65
C18 RET C . 21.44 14.85 -8.39
C19 RET C . 17.99 11.46 -10.81
C20 RET C . 15.43 15.62 -6.33
C1 PLM D . 22.31 37.26 -25.26
O2 PLM D . 21.83 38.27 -25.76
C2 PLM D . 22.33 37.12 -23.74
C3 PLM D . 22.18 35.67 -23.27
C4 PLM D . 21.17 35.59 -22.14
C5 PLM D . 20.88 34.18 -21.75
C6 PLM D . 19.87 34.18 -20.63
C7 PLM D . 19.19 32.84 -20.51
C8 PLM D . 18.14 32.81 -19.38
C9 PLM D . 17.57 31.40 -19.17
CA PLM D . 16.31 31.14 -19.99
CB PLM D . 16.28 29.69 -20.46
CC PLM D . 15.01 28.99 -20.02
CD PLM D . 15.00 27.55 -20.49
CE PLM D . 14.06 26.72 -19.66
CF PLM D . 13.08 25.93 -20.52
CG PLM D . 12.12 25.08 -19.67
C1 PLM E . 3.14 9.97 -22.22
O2 PLM E . 2.63 9.18 -21.45
C2 PLM E . 4.56 9.69 -22.72
C3 PLM E . 5.64 10.18 -21.77
C4 PLM E . 6.45 11.32 -22.39
C5 PLM E . 7.78 11.46 -21.73
C6 PLM E . 8.54 12.59 -22.37
C7 PLM E . 9.99 12.57 -21.93
C8 PLM E . 10.81 13.71 -22.54
C9 PLM E . 11.39 13.34 -23.92
CA PLM E . 12.89 13.06 -23.88
CB PLM E . 13.65 14.11 -24.67
CC PLM E . 15.09 14.17 -24.20
CD PLM E . 15.88 15.21 -24.97
CE PLM E . 16.98 15.78 -24.09
CF PLM E . 16.92 17.30 -24.00
CG PLM E . 18.04 17.87 -23.11
S SO4 F . -28.67 -49.29 9.70
O1 SO4 F . -29.08 -50.69 9.90
O2 SO4 F . -27.98 -49.15 8.40
O3 SO4 F . -29.86 -48.42 9.71
O4 SO4 F . -27.76 -48.89 10.79
C1 RET G . -15.82 -19.93 1.58
C2 RET G . -17.08 -20.06 0.65
C3 RET G . -18.41 -19.95 1.34
C4 RET G . -18.51 -20.91 2.52
C5 RET G . -17.33 -20.84 3.48
C6 RET G . -16.10 -20.39 3.07
C7 RET G . -14.91 -20.34 4.03
C8 RET G . -14.72 -19.51 5.07
C9 RET G . -13.62 -19.49 6.06
C10 RET G . -13.55 -18.58 7.06
C11 RET G . -14.45 -17.48 7.28
C12 RET G . -14.47 -16.59 8.30
C13 RET G . -15.36 -15.47 8.41
C14 RET G . -15.36 -14.67 9.53
C15 RET G . -16.25 -13.56 9.69
C16 RET G . -14.72 -20.77 0.93
C17 RET G . -15.34 -18.46 1.55
C18 RET G . -17.71 -21.30 4.86
C19 RET G . -12.56 -20.57 5.98
C20 RET G . -16.32 -15.20 7.26
C1 PLM H . -27.07 -32.69 29.34
O2 PLM H . -27.75 -32.14 30.18
C2 PLM H . -26.17 -31.82 28.44
C3 PLM H . -26.80 -31.50 27.08
C4 PLM H . -26.91 -29.99 26.86
C5 PLM H . -26.18 -29.56 25.61
C6 PLM H . -26.29 -28.06 25.46
C7 PLM H . -24.98 -27.47 24.97
C8 PLM H . -25.04 -25.95 24.78
C9 PLM H . -23.79 -25.25 25.33
CA PLM H . -22.94 -24.66 24.22
CB PLM H . -21.49 -24.58 24.65
CC PLM H . -20.58 -24.34 23.45
CD PLM H . -19.12 -24.25 23.87
CE PLM H . -18.49 -23.00 23.30
CF PLM H . -16.99 -23.16 23.06
CG PLM H . -16.37 -21.88 22.48
O12 PC1 I . 0.23 -15.49 -12.31
P PC1 I . -1.36 -15.62 -12.38
O14 PC1 I . -1.90 -15.53 -13.86
O13 PC1 I . -1.93 -14.53 -11.47
C11 PC1 I . -1.54 -13.19 -11.86
C12 PC1 I . -2.15 -12.17 -10.88
O11 PC1 I . -1.90 -16.96 -11.76
C1 PC1 I . -0.89 -17.82 -11.21
C2 PC1 I . -1.07 -19.31 -11.61
O21 PC1 I . -2.42 -19.74 -11.14
C21 PC1 I . -3.54 -20.14 -12.11
O22 PC1 I . -3.45 -20.13 -13.36
C22 PC1 I . -4.85 -20.55 -11.55
C23 PC1 I . -4.83 -21.97 -10.91
C24 PC1 I . -5.35 -23.05 -11.84
C25 PC1 I . -6.75 -23.58 -11.45
C26 PC1 I . -6.71 -24.95 -10.79
C27 PC1 I . -8.17 -25.42 -10.44
C28 PC1 I . -8.15 -26.73 -9.80
C29 PC1 I . -9.12 -27.59 -10.48
C2A PC1 I . -9.14 -28.98 -9.85
C2B PC1 I . -10.12 -29.84 -10.55
C2C PC1 I . -10.20 -31.27 -9.97
C2D PC1 I . -11.22 -32.14 -10.72
C2E PC1 I . -11.86 -33.16 -9.74
C2F PC1 I . -11.87 -34.57 -10.34
C3 PC1 I . 0.04 -20.15 -11.00
O31 PC1 I . -0.09 -20.05 -9.54
C31 PC1 I . 0.57 -21.13 -8.83
O32 PC1 I . 1.75 -21.41 -9.04
C32 PC1 I . -0.28 -21.89 -7.83
C33 PC1 I . -1.62 -22.49 -8.33
C34 PC1 I . -2.29 -23.18 -7.23
C35 PC1 I . -3.01 -24.41 -7.77
C36 PC1 I . -3.67 -25.08 -6.71
C37 PC1 I . -4.38 -26.32 -7.34
C38 PC1 I . -5.53 -26.74 -6.53
C39 PC1 I . -5.91 -28.19 -6.82
C3A PC1 I . -7.09 -28.60 -5.99
C1 BOG J . -38.62 -37.35 11.35
O1 BOG J . -38.13 -36.68 10.26
C2 BOG J . -40.10 -37.08 11.20
O2 BOG J . -40.45 -35.64 11.26
C3 BOG J . -40.63 -37.81 12.35
O3 BOG J . -41.98 -37.59 12.24
C4 BOG J . -40.21 -39.34 12.25
O4 BOG J . -40.71 -40.06 13.34
C5 BOG J . -38.76 -39.55 12.37
O5 BOG J . -38.26 -38.81 11.27
C6 BOG J . -38.35 -41.07 12.26
O6 BOG J . -37.12 -41.32 13.11
C1' BOG J . -36.96 -36.15 10.82
C2' BOG J . -36.26 -35.69 9.64
C3' BOG J . -35.31 -34.69 10.20
C4' BOG J . -34.99 -33.96 9.03
C5' BOG J . -34.30 -32.75 9.56
C6' BOG J . -34.82 -31.74 8.69
C7' BOG J . -34.38 -30.53 9.41
C8' BOG J . -35.25 -29.55 8.82
#